data_4PTW
#
_entry.id   4PTW
#
_cell.length_a   88.983
_cell.length_b   97.540
_cell.length_c   109.616
_cell.angle_alpha   90.00
_cell.angle_beta   90.00
_cell.angle_gamma   90.00
#
_symmetry.space_group_name_H-M   'P 21 21 21'
#
loop_
_entity.id
_entity.type
_entity.pdbx_description
1 polymer 'Glycoside hydrolase family 1'
2 non-polymer 2-deoxy-2-fluoro-alpha-D-glucopyranose
3 non-polymer 'TETRAETHYLENE GLYCOL'
4 water water
#
_entity_poly.entity_id   1
_entity_poly.type   'polypeptide(L)'
_entity_poly.pdbx_seq_one_letter_code
;SMAKIIFPEDFIWGAATSSYQIEGAFNEDGKGESIWDRFSHTPGKIENGDTGDIACDHYHLYREDIELMKEIGIRSYRFS
TSWPRILPEGKGRVNQKGLDFYKRLVDNLLKANIRPMITLYHWDLPQALQDKGGWTNRDTAKYFAEYARLMFEEFNGLVD
LWVTHNEPWVVAFEGHAFGNHAPGTKDFKTALQVAHHLLLSHGMAVDIFREEDLPGEIGITLNLTPAYPAGDSEKDVKAA
SLLDDYINAWFLSPVFKGSYPEELHHIYEQNLGAFTTQPGDMDIISRDIDFLGINYYSRMVVRHKPGDNLFNAEVVKMED
RPSTEMGWEIYPQGLYDILVRVNKEYTDKPLYITENGAAFDDKLTEEGKIHDEKRINYLGDHFKQAYKALKDGVPLRGYY
VWSLMDNFEWAYGYSKRFGLIYVDYENGNRRFLKDSALWYREVIEKGQVEAN
;
_entity_poly.pdbx_strand_id   A,B
#
# COMPACT_ATOMS: atom_id res chain seq x y z
N ILE A 5 23.64 -26.89 -35.16
CA ILE A 5 23.45 -25.88 -34.13
C ILE A 5 24.75 -25.69 -33.35
N ILE A 6 25.61 -24.82 -33.87
CA ILE A 6 26.92 -24.55 -33.27
C ILE A 6 27.06 -23.08 -32.88
N PHE A 7 27.46 -22.83 -31.65
CA PHE A 7 27.63 -21.45 -31.17
C PHE A 7 29.10 -21.03 -31.19
N PRO A 8 29.36 -19.72 -31.24
CA PRO A 8 30.74 -19.23 -31.20
C PRO A 8 31.45 -19.72 -29.94
N GLU A 9 32.76 -19.95 -30.06
CA GLU A 9 33.54 -20.53 -28.96
C GLU A 9 33.63 -19.57 -27.77
N ASP A 10 33.37 -18.29 -28.00
CA ASP A 10 33.40 -17.31 -26.93
C ASP A 10 32.00 -16.91 -26.47
N PHE A 11 30.99 -17.70 -26.85
CA PHE A 11 29.61 -17.38 -26.50
C PHE A 11 29.40 -17.52 -24.99
N ILE A 12 28.77 -16.51 -24.38
CA ILE A 12 28.67 -16.48 -22.92
C ILE A 12 27.48 -17.29 -22.40
N TRP A 13 27.72 -18.57 -22.10
CA TRP A 13 26.70 -19.42 -21.49
C TRP A 13 26.74 -19.21 -19.99
N GLY A 14 25.59 -18.94 -19.40
CA GLY A 14 25.56 -18.72 -17.97
C GLY A 14 24.35 -19.29 -17.27
N ALA A 15 24.24 -18.95 -15.99
CA ALA A 15 23.05 -19.24 -15.20
C ALA A 15 22.80 -18.07 -14.28
N ALA A 16 21.54 -17.87 -13.92
CA ALA A 16 21.13 -16.70 -13.17
C ALA A 16 20.41 -17.05 -11.88
N THR A 17 20.49 -16.15 -10.91
CA THR A 17 19.74 -16.28 -9.66
C THR A 17 19.40 -14.86 -9.22
N SER A 18 18.72 -14.72 -8.09
CA SER A 18 18.55 -13.38 -7.48
C SER A 18 18.70 -13.48 -5.97
N SER A 19 19.05 -12.36 -5.35
CA SER A 19 19.42 -12.32 -3.94
C SER A 19 18.37 -12.90 -3.01
N TYR A 20 17.15 -12.36 -3.07
CA TYR A 20 16.08 -12.81 -2.17
C TYR A 20 15.68 -14.25 -2.42
N GLN A 21 15.83 -14.71 -3.66
CA GLN A 21 15.36 -16.06 -3.97
C GLN A 21 16.29 -17.16 -3.45
N ILE A 22 17.56 -16.83 -3.17
CA ILE A 22 18.53 -17.87 -2.80
C ILE A 22 19.32 -17.66 -1.50
N GLU A 23 19.44 -16.41 -1.04
CA GLU A 23 20.46 -16.09 -0.04
C GLU A 23 20.17 -16.57 1.37
N GLY A 24 18.91 -16.42 1.81
CA GLY A 24 18.56 -16.65 3.20
C GLY A 24 19.21 -15.57 4.05
N ALA A 25 19.60 -15.90 5.27
CA ALA A 25 20.25 -14.95 6.17
C ALA A 25 19.48 -13.64 6.20
N PHE A 26 18.16 -13.72 6.32
CA PHE A 26 17.32 -12.55 6.10
C PHE A 26 17.54 -11.44 7.13
N ASN A 27 18.04 -11.77 8.32
CA ASN A 27 18.27 -10.72 9.31
C ASN A 27 19.62 -10.87 10.01
N GLU A 28 20.58 -11.40 9.29
CA GLU A 28 21.88 -11.73 9.86
C GLU A 28 22.92 -10.67 9.50
N ASP A 29 23.89 -10.48 10.39
CA ASP A 29 25.04 -9.61 10.13
C ASP A 29 24.66 -8.20 9.72
N GLY A 30 23.61 -7.66 10.31
CA GLY A 30 23.27 -6.26 10.11
C GLY A 30 22.36 -5.97 8.94
N LYS A 31 21.94 -7.00 8.20
CA LYS A 31 21.05 -6.76 7.05
C LYS A 31 19.72 -6.11 7.47
N GLY A 32 19.27 -5.09 6.72
CA GLY A 32 17.96 -4.50 6.98
C GLY A 32 16.76 -5.24 6.37
N GLU A 33 15.57 -5.00 6.90
CA GLU A 33 14.35 -5.57 6.33
C GLU A 33 14.11 -5.07 4.88
N SER A 34 13.70 -5.98 4.00
CA SER A 34 13.27 -5.61 2.64
C SER A 34 11.76 -5.71 2.53
N ILE A 35 11.20 -5.19 1.43
CA ILE A 35 9.77 -5.34 1.22
C ILE A 35 9.38 -6.82 1.05
N TRP A 36 10.28 -7.66 0.55
CA TRP A 36 9.95 -9.07 0.41
C TRP A 36 9.97 -9.86 1.74
N ASP A 37 10.80 -9.42 2.69
CA ASP A 37 10.72 -9.97 4.06
C ASP A 37 9.34 -9.62 4.63
N ARG A 38 8.92 -8.36 4.45
CA ARG A 38 7.63 -7.91 4.99
C ARG A 38 6.49 -8.66 4.32
N PHE A 39 6.52 -8.70 2.99
CA PHE A 39 5.46 -9.34 2.23
C PHE A 39 5.33 -10.82 2.59
N SER A 40 6.46 -11.53 2.61
CA SER A 40 6.42 -12.96 2.90
C SER A 40 6.04 -13.25 4.35
N HIS A 41 6.23 -12.30 5.25
CA HIS A 41 5.74 -12.47 6.63
C HIS A 41 4.29 -12.00 6.83
N THR A 42 3.62 -11.64 5.74
CA THR A 42 2.22 -11.28 5.80
C THR A 42 1.37 -12.51 5.43
N PRO A 43 0.42 -12.87 6.29
CA PRO A 43 -0.40 -14.07 6.03
C PRO A 43 -1.20 -13.98 4.72
N GLY A 44 -1.24 -15.09 3.99
CA GLY A 44 -2.02 -15.16 2.77
C GLY A 44 -1.31 -14.72 1.49
N LYS A 45 -0.10 -14.20 1.58
CA LYS A 45 0.54 -13.66 0.38
C LYS A 45 1.26 -14.71 -0.45
N ILE A 46 1.85 -15.70 0.22
CA ILE A 46 2.73 -16.68 -0.45
C ILE A 46 2.16 -18.08 -0.29
N GLU A 47 2.24 -18.88 -1.36
CA GLU A 47 1.73 -20.25 -1.31
C GLU A 47 2.38 -21.03 -0.18
N ASN A 48 1.57 -21.72 0.60
CA ASN A 48 2.01 -22.55 1.71
C ASN A 48 2.65 -21.78 2.87
N GLY A 49 2.56 -20.45 2.83
CA GLY A 49 3.19 -19.64 3.85
C GLY A 49 4.71 -19.73 3.84
N ASP A 50 5.29 -20.03 2.67
CA ASP A 50 6.74 -20.06 2.51
C ASP A 50 7.34 -18.67 2.68
N THR A 51 8.59 -18.58 3.11
CA THR A 51 9.31 -17.29 3.17
C THR A 51 10.74 -17.46 2.64
N GLY A 52 11.42 -16.33 2.44
CA GLY A 52 12.81 -16.35 1.98
C GLY A 52 13.80 -16.27 3.13
N ASP A 53 13.33 -16.57 4.34
CA ASP A 53 14.15 -16.51 5.55
C ASP A 53 15.45 -17.30 5.42
N ILE A 54 15.36 -18.53 4.94
CA ILE A 54 16.54 -19.39 4.78
C ILE A 54 16.83 -19.68 3.32
N ALA A 55 15.77 -19.95 2.56
CA ALA A 55 15.89 -20.33 1.16
C ALA A 55 16.98 -21.39 0.91
N CYS A 56 17.90 -21.12 -0.02
CA CYS A 56 18.93 -22.11 -0.35
C CYS A 56 20.12 -21.94 0.56
N ASP A 57 20.04 -20.95 1.46
CA ASP A 57 21.16 -20.61 2.35
C ASP A 57 22.44 -20.34 1.55
N HIS A 58 22.30 -19.71 0.38
CA HIS A 58 23.47 -19.36 -0.44
C HIS A 58 24.46 -18.41 0.29
N TYR A 59 23.95 -17.57 1.19
CA TYR A 59 24.82 -16.67 1.96
C TYR A 59 25.92 -17.43 2.70
N HIS A 60 25.61 -18.62 3.18
CA HIS A 60 26.60 -19.42 3.89
C HIS A 60 27.23 -20.47 2.97
N LEU A 61 26.47 -20.93 1.99
CA LEU A 61 26.92 -22.03 1.14
C LEU A 61 27.52 -21.62 -0.19
N TYR A 62 27.75 -20.32 -0.40
CA TYR A 62 28.19 -19.82 -1.71
C TYR A 62 29.47 -20.50 -2.25
N ARG A 63 30.39 -20.89 -1.37
CA ARG A 63 31.60 -21.57 -1.83
C ARG A 63 31.29 -22.94 -2.46
N GLU A 64 30.34 -23.67 -1.90
CA GLU A 64 29.90 -24.92 -2.49
C GLU A 64 29.17 -24.69 -3.82
N ASP A 65 28.35 -23.65 -3.89
CA ASP A 65 27.62 -23.37 -5.13
C ASP A 65 28.55 -22.99 -6.28
N ILE A 66 29.63 -22.30 -5.96
CA ILE A 66 30.64 -22.02 -6.97
C ILE A 66 31.32 -23.30 -7.48
N GLU A 67 31.50 -24.27 -6.60
CA GLU A 67 32.04 -25.56 -7.04
C GLU A 67 31.11 -26.20 -8.06
N LEU A 68 29.81 -26.20 -7.79
CA LEU A 68 28.83 -26.73 -8.75
C LEU A 68 28.81 -25.99 -10.09
N MET A 69 29.03 -24.68 -10.01
CA MET A 69 29.14 -23.85 -11.20
C MET A 69 30.27 -24.36 -12.07
N LYS A 70 31.43 -24.56 -11.47
CA LYS A 70 32.59 -25.10 -12.18
C LYS A 70 32.29 -26.47 -12.77
N GLU A 71 31.64 -27.34 -11.99
CA GLU A 71 31.21 -28.64 -12.48
C GLU A 71 30.41 -28.52 -13.77
N ILE A 72 29.41 -27.64 -13.79
CA ILE A 72 28.60 -27.43 -15.00
C ILE A 72 29.43 -26.74 -16.08
N GLY A 73 30.40 -25.95 -15.66
CA GLY A 73 31.28 -25.25 -16.58
C GLY A 73 30.73 -23.95 -17.16
N ILE A 74 29.79 -23.31 -16.47
CA ILE A 74 29.28 -22.02 -16.95
C ILE A 74 30.37 -20.96 -17.05
N ARG A 75 30.27 -20.09 -18.05
CA ARG A 75 31.26 -19.04 -18.26
C ARG A 75 30.95 -17.73 -17.52
N SER A 76 29.70 -17.56 -17.14
CA SER A 76 29.32 -16.34 -16.44
C SER A 76 28.17 -16.63 -15.49
N TYR A 77 28.14 -15.93 -14.37
CA TYR A 77 27.11 -16.09 -13.35
C TYR A 77 26.40 -14.75 -13.13
N ARG A 78 25.10 -14.71 -13.38
CA ARG A 78 24.30 -13.51 -13.16
C ARG A 78 23.63 -13.62 -11.79
N PHE A 79 23.89 -12.64 -10.93
CA PHE A 79 23.29 -12.62 -9.61
C PHE A 79 22.92 -11.21 -9.30
N SER A 80 22.07 -11.02 -8.29
CA SER A 80 21.70 -9.69 -7.87
C SER A 80 22.25 -9.44 -6.48
N THR A 81 22.44 -8.17 -6.15
CA THR A 81 22.98 -7.78 -4.86
C THR A 81 21.84 -7.16 -4.06
N SER A 82 21.75 -7.53 -2.79
CA SER A 82 20.69 -7.04 -1.93
C SER A 82 21.00 -5.64 -1.39
N TRP A 83 20.27 -4.65 -1.90
CA TRP A 83 20.35 -3.28 -1.42
C TRP A 83 20.27 -3.16 0.14
N PRO A 84 19.25 -3.76 0.78
CA PRO A 84 19.19 -3.63 2.25
C PRO A 84 20.23 -4.50 3.02
N ARG A 85 20.89 -5.43 2.36
CA ARG A 85 21.98 -6.14 3.03
C ARG A 85 23.20 -5.20 3.08
N ILE A 86 23.30 -4.31 2.09
CA ILE A 86 24.43 -3.41 1.97
C ILE A 86 24.18 -2.05 2.66
N LEU A 87 22.97 -1.53 2.49
CA LEU A 87 22.54 -0.27 3.12
C LEU A 87 21.20 -0.57 3.79
N PRO A 88 21.21 -0.97 5.07
CA PRO A 88 20.00 -1.43 5.78
C PRO A 88 18.82 -0.43 5.71
N GLU A 89 19.13 0.86 5.75
CA GLU A 89 18.10 1.89 5.69
C GLU A 89 17.87 2.41 4.28
N GLY A 90 18.59 1.83 3.31
CA GLY A 90 18.45 2.25 1.92
C GLY A 90 19.35 3.42 1.58
N LYS A 91 19.78 4.11 2.61
CA LYS A 91 20.68 5.24 2.46
C LYS A 91 21.44 5.27 3.75
N GLY A 92 22.30 6.27 3.92
CA GLY A 92 23.06 6.38 5.15
C GLY A 92 24.24 5.43 5.19
N ARG A 93 24.42 4.80 6.34
CA ARG A 93 25.65 4.07 6.65
C ARG A 93 25.73 2.67 6.04
N VAL A 94 26.89 2.31 5.50
CA VAL A 94 27.09 0.99 4.90
C VAL A 94 27.20 -0.11 5.95
N ASN A 95 26.55 -1.23 5.69
CA ASN A 95 26.70 -2.43 6.50
C ASN A 95 27.89 -3.23 5.96
N GLN A 96 29.05 -3.09 6.60
CA GLN A 96 30.29 -3.63 6.03
C GLN A 96 30.25 -5.15 5.84
N LYS A 97 29.58 -5.85 6.76
CA LYS A 97 29.49 -7.31 6.63
C LYS A 97 28.64 -7.76 5.44
N GLY A 98 27.55 -7.05 5.17
CA GLY A 98 26.77 -7.35 3.98
C GLY A 98 27.57 -7.19 2.70
N LEU A 99 28.32 -6.09 2.63
CA LEU A 99 29.15 -5.81 1.47
C LEU A 99 30.31 -6.81 1.38
N ASP A 100 30.86 -7.18 2.52
CA ASP A 100 31.96 -8.14 2.53
C ASP A 100 31.53 -9.48 1.90
N PHE A 101 30.30 -9.91 2.13
CA PHE A 101 29.79 -11.11 1.48
C PHE A 101 29.95 -11.07 -0.05
N TYR A 102 29.55 -9.97 -0.67
CA TYR A 102 29.64 -9.88 -2.12
C TYR A 102 31.08 -9.74 -2.63
N LYS A 103 31.94 -9.14 -1.81
CA LYS A 103 33.35 -9.08 -2.13
C LYS A 103 33.94 -10.48 -2.12
N ARG A 104 33.57 -11.29 -1.13
CA ARG A 104 34.01 -12.68 -1.08
C ARG A 104 33.46 -13.49 -2.24
N LEU A 105 32.19 -13.27 -2.57
CA LEU A 105 31.55 -13.98 -3.68
C LEU A 105 32.28 -13.68 -5.01
N VAL A 106 32.51 -12.39 -5.27
CA VAL A 106 33.14 -11.98 -6.52
C VAL A 106 34.59 -12.49 -6.63
N ASP A 107 35.37 -12.33 -5.58
CA ASP A 107 36.75 -12.84 -5.58
CA ASP A 107 36.74 -12.86 -5.53
C ASP A 107 36.78 -14.35 -5.88
N ASN A 108 35.88 -15.11 -5.26
CA ASN A 108 35.71 -16.54 -5.54
C ASN A 108 35.31 -16.85 -7.00
N LEU A 109 34.41 -16.06 -7.55
CA LEU A 109 33.99 -16.28 -8.94
C LEU A 109 35.18 -16.06 -9.88
N LEU A 110 35.93 -14.99 -9.63
CA LEU A 110 37.05 -14.66 -10.52
C LEU A 110 38.14 -15.74 -10.44
N LYS A 111 38.41 -16.23 -9.25
CA LYS A 111 39.40 -17.30 -9.08
C LYS A 111 38.95 -18.57 -9.80
N ALA A 112 37.63 -18.74 -9.89
CA ALA A 112 37.04 -19.88 -10.59
C ALA A 112 36.95 -19.64 -12.09
N ASN A 113 37.44 -18.49 -12.54
CA ASN A 113 37.31 -18.09 -13.95
C ASN A 113 35.84 -18.03 -14.42
N ILE A 114 34.94 -17.62 -13.53
CA ILE A 114 33.55 -17.35 -13.92
C ILE A 114 33.34 -15.84 -13.94
N ARG A 115 32.79 -15.34 -15.04
CA ARG A 115 32.57 -13.91 -15.23
C ARG A 115 31.29 -13.45 -14.51
N PRO A 116 31.42 -12.57 -13.52
CA PRO A 116 30.24 -12.08 -12.80
C PRO A 116 29.43 -11.05 -13.61
N MET A 117 28.11 -11.16 -13.52
CA MET A 117 27.22 -10.10 -14.00
C MET A 117 26.35 -9.71 -12.81
N ILE A 118 26.43 -8.45 -12.38
CA ILE A 118 25.64 -8.00 -11.24
C ILE A 118 24.37 -7.26 -11.68
N THR A 119 23.24 -7.68 -11.14
CA THR A 119 22.02 -6.92 -11.22
C THR A 119 21.86 -6.13 -9.93
N LEU A 120 21.80 -4.82 -10.04
CA LEU A 120 21.69 -3.98 -8.85
C LEU A 120 20.33 -4.09 -8.14
N TYR A 121 19.24 -4.13 -8.91
CA TYR A 121 17.90 -4.19 -8.32
C TYR A 121 17.09 -5.32 -8.91
N HIS A 122 16.93 -6.36 -8.11
CA HIS A 122 16.06 -7.46 -8.44
C HIS A 122 15.01 -7.62 -7.32
N TRP A 123 14.34 -6.51 -7.03
CA TRP A 123 13.02 -6.46 -6.36
C TRP A 123 13.02 -6.28 -4.83
N ASP A 124 14.17 -6.41 -4.20
CA ASP A 124 14.23 -6.36 -2.74
C ASP A 124 14.54 -4.96 -2.17
N LEU A 125 13.68 -3.98 -2.48
CA LEU A 125 13.77 -2.63 -1.92
C LEU A 125 13.79 -2.68 -0.38
N PRO A 126 14.67 -1.87 0.24
CA PRO A 126 14.69 -1.74 1.70
C PRO A 126 13.31 -1.31 2.20
N GLN A 127 12.80 -1.96 3.26
CA GLN A 127 11.49 -1.59 3.79
C GLN A 127 11.51 -0.15 4.32
N ALA A 128 12.64 0.29 4.85
CA ALA A 128 12.76 1.69 5.29
C ALA A 128 12.40 2.70 4.21
N LEU A 129 12.79 2.42 2.96
CA LEU A 129 12.43 3.30 1.85
C LEU A 129 10.95 3.13 1.46
N GLN A 130 10.41 1.92 1.64
CA GLN A 130 9.00 1.68 1.35
C GLN A 130 8.10 2.49 2.29
N ASP A 131 8.54 2.66 3.53
CA ASP A 131 7.78 3.42 4.52
C ASP A 131 7.75 4.89 4.18
N LYS A 132 8.64 5.31 3.28
CA LYS A 132 8.63 6.67 2.78
C LYS A 132 8.09 6.72 1.35
N GLY A 133 7.30 5.71 0.98
CA GLY A 133 6.57 5.73 -0.28
C GLY A 133 7.14 4.81 -1.34
N GLY A 134 8.33 4.28 -1.07
CA GLY A 134 8.99 3.41 -2.04
C GLY A 134 9.11 4.06 -3.40
N TRP A 135 8.77 3.31 -4.45
CA TRP A 135 9.02 3.79 -5.80
C TRP A 135 8.11 4.93 -6.28
N THR A 136 7.09 5.29 -5.48
CA THR A 136 6.30 6.48 -5.81
C THR A 136 7.01 7.76 -5.39
N ASN A 137 8.00 7.63 -4.51
CA ASN A 137 8.76 8.78 -4.04
C ASN A 137 9.99 8.91 -4.92
N ARG A 138 10.07 10.02 -5.65
CA ARG A 138 11.18 10.30 -6.55
C ARG A 138 12.53 10.23 -5.83
N ASP A 139 12.54 10.49 -4.53
CA ASP A 139 13.76 10.33 -3.75
C ASP A 139 14.34 8.90 -3.81
N THR A 140 13.47 7.91 -4.03
CA THR A 140 13.96 6.53 -4.14
C THR A 140 14.85 6.36 -5.37
N ALA A 141 14.56 7.09 -6.44
CA ALA A 141 15.42 7.03 -7.62
C ALA A 141 16.82 7.54 -7.28
N LYS A 142 16.88 8.59 -6.46
CA LYS A 142 18.17 9.17 -6.10
C LYS A 142 18.98 8.24 -5.19
N TYR A 143 18.31 7.61 -4.23
CA TYR A 143 18.98 6.68 -3.32
C TYR A 143 19.49 5.45 -4.07
N PHE A 144 18.72 5.01 -5.06
CA PHE A 144 19.16 3.90 -5.91
C PHE A 144 20.45 4.26 -6.62
N ALA A 145 20.49 5.47 -7.16
CA ALA A 145 21.68 5.92 -7.86
C ALA A 145 22.89 6.04 -6.93
N GLU A 146 22.67 6.47 -5.69
CA GLU A 146 23.78 6.53 -4.72
C GLU A 146 24.29 5.11 -4.38
N TYR A 147 23.36 4.16 -4.31
CA TYR A 147 23.68 2.75 -4.07
C TYR A 147 24.47 2.17 -5.24
N ALA A 148 24.05 2.53 -6.46
CA ALA A 148 24.74 2.10 -7.67
C ALA A 148 26.18 2.57 -7.63
N ARG A 149 26.38 3.86 -7.33
CA ARG A 149 27.73 4.38 -7.25
C ARG A 149 28.59 3.66 -6.21
N LEU A 150 28.02 3.39 -5.06
CA LEU A 150 28.73 2.62 -4.03
C LEU A 150 29.27 1.32 -4.61
N MET A 151 28.41 0.61 -5.33
CA MET A 151 28.81 -0.66 -5.93
C MET A 151 29.84 -0.50 -7.05
N PHE A 152 29.69 0.55 -7.86
CA PHE A 152 30.66 0.83 -8.94
C PHE A 152 32.05 1.13 -8.36
N GLU A 153 32.08 1.87 -7.24
CA GLU A 153 33.33 2.17 -6.54
C GLU A 153 34.00 0.92 -6.00
N GLU A 154 33.24 0.07 -5.31
CA GLU A 154 33.79 -1.12 -4.67
C GLU A 154 34.21 -2.20 -5.65
N PHE A 155 33.55 -2.27 -6.80
CA PHE A 155 33.83 -3.36 -7.73
C PHE A 155 34.49 -2.92 -9.04
N ASN A 156 35.01 -1.70 -9.04
CA ASN A 156 35.78 -1.15 -10.15
C ASN A 156 36.96 -2.06 -10.48
N GLY A 157 36.98 -2.60 -11.69
CA GLY A 157 38.03 -3.50 -12.11
C GLY A 157 37.82 -4.92 -11.66
N LEU A 158 36.69 -5.21 -11.01
CA LEU A 158 36.40 -6.60 -10.62
C LEU A 158 35.17 -7.16 -11.32
N VAL A 159 34.17 -6.31 -11.52
CA VAL A 159 32.96 -6.74 -12.22
C VAL A 159 32.81 -5.89 -13.45
N ASP A 160 32.68 -6.53 -14.61
CA ASP A 160 32.64 -5.77 -15.85
C ASP A 160 31.33 -5.87 -16.64
N LEU A 161 30.34 -6.54 -16.06
CA LEU A 161 28.98 -6.63 -16.62
C LEU A 161 27.99 -6.24 -15.52
N TRP A 162 27.16 -5.24 -15.82
CA TRP A 162 26.27 -4.62 -14.85
C TRP A 162 24.88 -4.46 -15.43
N VAL A 163 23.86 -4.84 -14.67
CA VAL A 163 22.48 -4.55 -15.05
C VAL A 163 21.86 -3.70 -13.96
N THR A 164 21.25 -2.58 -14.33
CA THR A 164 20.66 -1.69 -13.33
C THR A 164 19.43 -2.35 -12.68
N HIS A 165 18.43 -2.63 -13.52
CA HIS A 165 17.16 -3.18 -13.08
C HIS A 165 16.80 -4.49 -13.75
N ASN A 166 16.12 -5.35 -13.00
CA ASN A 166 15.50 -6.54 -13.55
C ASN A 166 13.97 -6.39 -13.64
N GLU A 167 13.46 -6.42 -14.87
CA GLU A 167 12.01 -6.48 -15.12
C GLU A 167 11.21 -5.37 -14.43
N PRO A 168 11.49 -4.11 -14.79
CA PRO A 168 10.69 -3.02 -14.22
C PRO A 168 9.16 -3.18 -14.43
N TRP A 169 8.73 -3.85 -15.49
CA TRP A 169 7.30 -4.08 -15.70
C TRP A 169 6.70 -4.85 -14.55
N VAL A 170 7.40 -5.92 -14.16
CA VAL A 170 6.88 -6.80 -13.12
C VAL A 170 6.87 -6.07 -11.78
N VAL A 171 7.96 -5.35 -11.48
CA VAL A 171 8.04 -4.54 -10.26
C VAL A 171 6.88 -3.56 -10.20
N ALA A 172 6.64 -2.86 -11.31
CA ALA A 172 5.61 -1.85 -11.35
C ALA A 172 4.22 -2.46 -11.21
N PHE A 173 3.89 -3.39 -12.11
CA PHE A 173 2.51 -3.86 -12.19
C PHE A 173 2.14 -4.98 -11.21
N GLU A 174 2.98 -6.01 -11.12
CA GLU A 174 2.72 -7.10 -10.18
C GLU A 174 2.86 -6.62 -8.76
N GLY A 175 3.76 -5.68 -8.54
CA GLY A 175 4.02 -5.16 -7.20
C GLY A 175 3.08 -4.05 -6.75
N HIS A 176 2.52 -3.29 -7.70
CA HIS A 176 1.72 -2.11 -7.33
C HIS A 176 0.31 -1.99 -7.95
N ALA A 177 0.05 -2.73 -9.01
CA ALA A 177 -1.27 -2.72 -9.64
C ALA A 177 -2.10 -3.94 -9.25
N PHE A 178 -1.48 -5.12 -9.27
CA PHE A 178 -2.21 -6.34 -9.01
C PHE A 178 -1.93 -6.92 -7.61
N GLY A 179 -0.90 -6.40 -6.96
CA GLY A 179 -0.60 -6.78 -5.60
C GLY A 179 -0.09 -8.19 -5.37
N ASN A 180 0.34 -8.86 -6.44
CA ASN A 180 0.80 -10.23 -6.33
C ASN A 180 2.21 -10.31 -5.77
N HIS A 181 2.97 -9.23 -5.96
CA HIS A 181 4.34 -9.15 -5.45
C HIS A 181 4.46 -8.01 -4.45
N ALA A 182 5.51 -8.05 -3.63
CA ALA A 182 5.80 -6.96 -2.71
C ALA A 182 5.92 -5.65 -3.50
N PRO A 183 5.47 -4.53 -2.93
CA PRO A 183 4.89 -4.40 -1.58
C PRO A 183 3.44 -4.81 -1.47
N GLY A 184 2.75 -5.06 -2.59
CA GLY A 184 1.40 -5.60 -2.55
C GLY A 184 0.28 -4.60 -2.77
N THR A 185 0.62 -3.43 -3.33
CA THR A 185 -0.35 -2.38 -3.59
C THR A 185 -1.24 -2.82 -4.74
N LYS A 186 -2.47 -2.31 -4.82
CA LYS A 186 -3.34 -2.61 -5.95
C LYS A 186 -3.95 -1.34 -6.54
N ASP A 187 -3.10 -0.57 -7.21
CA ASP A 187 -3.45 0.77 -7.65
C ASP A 187 -2.71 1.04 -8.96
N PHE A 188 -3.43 1.01 -10.07
CA PHE A 188 -2.82 1.08 -11.39
C PHE A 188 -2.15 2.43 -11.61
N LYS A 189 -2.72 3.51 -11.05
CA LYS A 189 -2.08 4.82 -11.16
C LYS A 189 -0.69 4.80 -10.51
N THR A 190 -0.64 4.21 -9.33
CA THR A 190 0.63 4.04 -8.61
C THR A 190 1.63 3.25 -9.46
N ALA A 191 1.17 2.17 -10.07
CA ALA A 191 2.01 1.38 -10.97
C ALA A 191 2.71 2.24 -12.03
N LEU A 192 1.95 3.09 -12.72
CA LEU A 192 2.52 3.94 -13.78
C LEU A 192 3.55 4.91 -13.21
N GLN A 193 3.28 5.43 -12.01
CA GLN A 193 4.21 6.34 -11.36
C GLN A 193 5.51 5.59 -11.02
N VAL A 194 5.37 4.38 -10.49
CA VAL A 194 6.52 3.54 -10.15
C VAL A 194 7.38 3.20 -11.37
N ALA A 195 6.72 2.81 -12.47
CA ALA A 195 7.41 2.54 -13.73
C ALA A 195 8.27 3.72 -14.20
N HIS A 196 7.74 4.92 -14.06
CA HIS A 196 8.49 6.10 -14.48
C HIS A 196 9.75 6.27 -13.63
N HIS A 197 9.62 6.08 -12.32
CA HIS A 197 10.76 6.23 -11.41
C HIS A 197 11.82 5.14 -11.54
N LEU A 198 11.39 3.92 -11.88
CA LEU A 198 12.34 2.83 -12.12
C LEU A 198 13.19 3.21 -13.34
N LEU A 199 12.52 3.66 -14.38
CA LEU A 199 13.20 4.08 -15.59
C LEU A 199 14.15 5.23 -15.30
N LEU A 200 13.68 6.23 -14.55
CA LEU A 200 14.52 7.36 -14.18
C LEU A 200 15.76 6.91 -13.40
N SER A 201 15.54 6.05 -12.39
CA SER A 201 16.66 5.58 -11.58
C SER A 201 17.66 4.81 -12.44
N HIS A 202 17.17 4.18 -13.51
CA HIS A 202 18.06 3.46 -14.42
C HIS A 202 18.99 4.42 -15.14
N GLY A 203 18.42 5.48 -15.70
CA GLY A 203 19.21 6.47 -16.42
C GLY A 203 20.17 7.19 -15.49
N MET A 204 19.71 7.45 -14.27
CA MET A 204 20.57 8.10 -13.29
C MET A 204 21.79 7.24 -12.98
N ALA A 205 21.60 5.92 -12.91
CA ALA A 205 22.75 5.04 -12.63
C ALA A 205 23.66 4.91 -13.84
N VAL A 206 23.11 5.00 -15.05
CA VAL A 206 23.98 4.96 -16.23
C VAL A 206 24.92 6.17 -16.27
N ASP A 207 24.40 7.34 -15.91
CA ASP A 207 25.21 8.56 -15.86
C ASP A 207 26.38 8.40 -14.88
N ILE A 208 26.06 7.91 -13.69
CA ILE A 208 27.11 7.62 -12.72
C ILE A 208 28.15 6.61 -13.21
N PHE A 209 27.71 5.56 -13.90
CA PHE A 209 28.62 4.54 -14.44
C PHE A 209 29.66 5.16 -15.39
N ARG A 210 29.23 6.09 -16.23
CA ARG A 210 30.13 6.79 -17.14
C ARG A 210 31.13 7.66 -16.36
N GLU A 211 30.61 8.41 -15.40
CA GLU A 211 31.39 9.32 -14.56
C GLU A 211 32.48 8.59 -13.77
N GLU A 212 32.13 7.46 -13.19
CA GLU A 212 33.09 6.67 -12.43
C GLU A 212 34.14 6.01 -13.33
N ASP A 213 33.85 5.88 -14.62
CA ASP A 213 34.85 5.44 -15.60
C ASP A 213 35.44 4.06 -15.30
N LEU A 214 34.70 3.20 -14.62
CA LEU A 214 35.18 1.83 -14.45
C LEU A 214 35.05 1.08 -15.78
N PRO A 215 35.95 0.12 -16.04
CA PRO A 215 35.83 -0.64 -17.29
C PRO A 215 34.65 -1.61 -17.25
N GLY A 216 34.08 -1.89 -18.41
CA GLY A 216 32.99 -2.85 -18.49
C GLY A 216 31.76 -2.25 -19.11
N GLU A 217 30.65 -2.97 -19.04
CA GLU A 217 29.44 -2.58 -19.75
C GLU A 217 28.21 -2.54 -18.84
N ILE A 218 27.29 -1.63 -19.14
CA ILE A 218 26.06 -1.54 -18.38
C ILE A 218 24.83 -1.65 -19.29
N GLY A 219 23.79 -2.32 -18.79
CA GLY A 219 22.54 -2.41 -19.52
C GLY A 219 21.36 -2.45 -18.58
N ILE A 220 20.21 -2.84 -19.10
CA ILE A 220 19.04 -3.06 -18.28
C ILE A 220 18.43 -4.38 -18.75
N THR A 221 17.69 -5.04 -17.86
CA THR A 221 17.03 -6.30 -18.19
C THR A 221 15.52 -6.15 -18.21
N LEU A 222 14.91 -6.41 -19.36
CA LEU A 222 13.47 -6.30 -19.53
C LEU A 222 12.84 -7.67 -19.79
N ASN A 223 11.73 -7.96 -19.11
CA ASN A 223 10.92 -9.11 -19.50
C ASN A 223 10.16 -8.75 -20.76
N LEU A 224 10.27 -9.59 -21.79
CA LEU A 224 9.56 -9.28 -23.04
C LEU A 224 8.65 -10.43 -23.45
N THR A 225 7.41 -10.10 -23.78
CA THR A 225 6.40 -11.10 -24.11
C THR A 225 5.75 -10.71 -25.42
N PRO A 226 6.15 -11.35 -26.53
CA PRO A 226 5.57 -10.90 -27.79
C PRO A 226 4.11 -11.30 -27.89
N ALA A 227 3.31 -10.44 -28.51
CA ALA A 227 1.88 -10.64 -28.61
C ALA A 227 1.54 -11.04 -30.03
N TYR A 228 0.57 -11.94 -30.16
CA TYR A 228 0.17 -12.47 -31.44
C TYR A 228 -1.34 -12.39 -31.56
N PRO A 229 -1.83 -11.95 -32.72
CA PRO A 229 -3.29 -11.88 -32.89
C PRO A 229 -3.91 -13.27 -32.96
N ALA A 230 -5.04 -13.43 -32.27
CA ALA A 230 -5.74 -14.71 -32.25
C ALA A 230 -6.39 -15.04 -33.60
N GLY A 231 -6.69 -14.02 -34.40
CA GLY A 231 -7.29 -14.22 -35.72
C GLY A 231 -6.79 -13.25 -36.77
N ASP A 232 -7.20 -13.47 -38.02
CA ASP A 232 -6.77 -12.62 -39.15
C ASP A 232 -7.27 -11.19 -39.00
N SER A 233 -8.28 -11.02 -38.15
CA SER A 233 -8.94 -9.74 -37.93
C SER A 233 -7.97 -8.58 -37.70
N GLU A 234 -8.18 -7.49 -38.43
CA GLU A 234 -7.44 -6.26 -38.20
C GLU A 234 -7.66 -5.77 -36.77
N LYS A 235 -8.84 -6.06 -36.23
CA LYS A 235 -9.17 -5.68 -34.85
C LYS A 235 -8.32 -6.43 -33.83
N ASP A 236 -8.09 -7.72 -34.06
CA ASP A 236 -7.24 -8.51 -33.16
C ASP A 236 -5.79 -8.04 -33.26
N VAL A 237 -5.37 -7.74 -34.47
CA VAL A 237 -4.02 -7.23 -34.73
C VAL A 237 -3.75 -5.99 -33.88
N LYS A 238 -4.71 -5.07 -33.84
CA LYS A 238 -4.54 -3.84 -33.08
C LYS A 238 -4.56 -4.09 -31.57
N ALA A 239 -5.43 -4.99 -31.13
CA ALA A 239 -5.53 -5.35 -29.71
C ALA A 239 -4.22 -5.99 -29.22
N ALA A 240 -3.69 -6.91 -30.03
CA ALA A 240 -2.44 -7.60 -29.75
C ALA A 240 -1.29 -6.60 -29.70
N SER A 241 -1.31 -5.66 -30.64
CA SER A 241 -0.34 -4.58 -30.67
C SER A 241 -0.37 -3.77 -29.38
N LEU A 242 -1.56 -3.54 -28.83
CA LEU A 242 -1.72 -2.72 -27.63
C LEU A 242 -1.21 -3.39 -26.35
N LEU A 243 -1.48 -4.68 -26.23
CA LEU A 243 -0.98 -5.43 -25.08
C LEU A 243 0.52 -5.55 -25.20
N ASP A 244 1.01 -5.64 -26.43
CA ASP A 244 2.43 -5.67 -26.69
C ASP A 244 3.09 -4.37 -26.21
N ASP A 245 2.44 -3.23 -26.46
CA ASP A 245 2.95 -1.95 -25.99
C ASP A 245 2.95 -1.87 -24.45
N TYR A 246 1.93 -2.49 -23.86
CA TYR A 246 1.70 -2.49 -22.42
C TYR A 246 2.86 -3.13 -21.65
N ILE A 247 3.39 -4.22 -22.20
CA ILE A 247 4.49 -4.94 -21.56
C ILE A 247 5.85 -4.52 -22.10
N ASN A 248 5.95 -4.46 -23.42
CA ASN A 248 7.22 -4.30 -24.10
C ASN A 248 7.60 -2.85 -24.41
N ALA A 249 6.83 -2.19 -25.28
CA ALA A 249 7.18 -0.85 -25.73
C ALA A 249 7.19 0.18 -24.61
N TRP A 250 6.37 -0.05 -23.59
CA TRP A 250 6.27 0.89 -22.47
C TRP A 250 7.61 1.14 -21.82
N PHE A 251 8.48 0.14 -21.90
CA PHE A 251 9.82 0.23 -21.36
C PHE A 251 10.89 0.34 -22.46
N LEU A 252 10.70 -0.39 -23.57
CA LEU A 252 11.67 -0.32 -24.67
C LEU A 252 11.73 1.06 -25.34
N SER A 253 10.59 1.70 -25.55
CA SER A 253 10.59 3.00 -26.23
C SER A 253 11.24 4.14 -25.39
N PRO A 254 10.93 4.22 -24.09
CA PRO A 254 11.65 5.23 -23.31
C PRO A 254 13.17 5.03 -23.31
N VAL A 255 13.64 3.81 -23.10
CA VAL A 255 15.08 3.54 -23.02
C VAL A 255 15.82 3.85 -24.34
N PHE A 256 15.26 3.43 -25.46
CA PHE A 256 15.96 3.50 -26.74
C PHE A 256 15.51 4.65 -27.67
N LYS A 257 14.27 5.10 -27.52
CA LYS A 257 13.73 6.19 -28.35
C LYS A 257 13.53 7.52 -27.58
N GLY A 258 13.47 7.45 -26.26
CA GLY A 258 13.27 8.66 -25.47
C GLY A 258 11.83 9.13 -25.39
N SER A 259 10.89 8.20 -25.51
CA SER A 259 9.48 8.56 -25.42
C SER A 259 8.67 7.32 -25.07
N TYR A 260 7.50 7.53 -24.48
CA TYR A 260 6.58 6.41 -24.25
C TYR A 260 5.80 6.14 -25.53
N PRO A 261 5.28 4.93 -25.70
CA PRO A 261 4.40 4.67 -26.84
C PRO A 261 3.16 5.56 -26.80
N GLU A 262 2.98 6.33 -27.88
CA GLU A 262 2.00 7.39 -27.96
C GLU A 262 0.55 6.99 -27.67
N GLU A 263 0.05 5.96 -28.35
CA GLU A 263 -1.36 5.66 -28.23
C GLU A 263 -1.66 5.20 -26.82
N LEU A 264 -0.82 4.29 -26.32
CA LEU A 264 -1.00 3.79 -24.97
C LEU A 264 -0.91 4.91 -23.92
N HIS A 265 0.07 5.80 -24.07
CA HIS A 265 0.25 6.90 -23.14
C HIS A 265 -1.01 7.78 -23.09
N HIS A 266 -1.62 7.97 -24.26
CA HIS A 266 -2.87 8.74 -24.38
C HIS A 266 -4.04 8.05 -23.66
N ILE A 267 -4.21 6.74 -23.91
CA ILE A 267 -5.25 5.94 -23.26
C ILE A 267 -5.17 5.99 -21.75
N TYR A 268 -3.95 5.85 -21.22
CA TYR A 268 -3.72 5.97 -19.79
C TYR A 268 -4.13 7.35 -19.28
N GLU A 269 -3.65 8.38 -19.95
CA GLU A 269 -3.85 9.74 -19.47
C GLU A 269 -5.34 10.08 -19.44
N GLN A 270 -6.08 9.58 -20.42
CA GLN A 270 -7.49 9.90 -20.53
C GLN A 270 -8.36 9.12 -19.55
N ASN A 271 -7.89 7.96 -19.11
CA ASN A 271 -8.65 7.19 -18.13
C ASN A 271 -8.21 7.39 -16.69
N LEU A 272 -6.97 7.81 -16.49
CA LEU A 272 -6.40 7.79 -15.15
C LEU A 272 -5.82 9.11 -14.70
N GLY A 273 -5.76 10.09 -15.59
CA GLY A 273 -4.98 11.28 -15.29
C GLY A 273 -3.49 11.04 -15.51
N ALA A 274 -2.73 12.12 -15.64
CA ALA A 274 -1.31 12.02 -15.95
C ALA A 274 -0.46 11.71 -14.71
N PHE A 275 0.57 10.88 -14.87
CA PHE A 275 1.50 10.67 -13.77
C PHE A 275 2.56 11.79 -13.77
N THR A 276 3.21 11.97 -12.64
CA THR A 276 4.09 13.13 -12.45
C THR A 276 5.46 12.93 -13.10
N THR A 277 5.85 13.86 -13.97
CA THR A 277 7.20 13.82 -14.54
C THR A 277 7.81 15.20 -14.45
N GLN A 278 9.12 15.28 -14.68
CA GLN A 278 9.79 16.56 -14.76
C GLN A 278 10.46 16.67 -16.12
N PRO A 279 10.60 17.92 -16.63
CA PRO A 279 11.28 18.15 -17.90
C PRO A 279 12.70 17.60 -17.86
N GLY A 280 13.13 16.93 -18.93
CA GLY A 280 14.46 16.35 -18.95
C GLY A 280 14.49 14.92 -18.44
N ASP A 281 13.36 14.43 -17.96
CA ASP A 281 13.29 13.05 -17.46
C ASP A 281 13.51 12.04 -18.59
N MET A 282 12.92 12.29 -19.75
CA MET A 282 13.07 11.37 -20.88
C MET A 282 14.50 11.35 -21.42
N ASP A 283 15.20 12.47 -21.27
CA ASP A 283 16.61 12.51 -21.64
C ASP A 283 17.45 11.58 -20.73
N ILE A 284 17.17 11.60 -19.43
CA ILE A 284 17.91 10.76 -18.49
C ILE A 284 17.62 9.29 -18.74
N ILE A 285 16.34 8.96 -18.87
CA ILE A 285 15.93 7.57 -19.09
C ILE A 285 16.62 6.97 -20.34
N SER A 286 16.79 7.78 -21.37
CA SER A 286 17.25 7.27 -22.66
C SER A 286 18.76 7.36 -22.89
N ARG A 287 19.54 7.48 -21.82
CA ARG A 287 21.01 7.51 -21.96
C ARG A 287 21.49 6.28 -22.70
N ASP A 288 22.57 6.44 -23.46
CA ASP A 288 23.11 5.32 -24.22
C ASP A 288 23.65 4.22 -23.31
N ILE A 289 23.23 2.99 -23.57
CA ILE A 289 23.70 1.85 -22.79
C ILE A 289 24.47 0.88 -23.66
N ASP A 290 25.14 -0.08 -23.02
CA ASP A 290 26.05 -0.96 -23.74
C ASP A 290 25.41 -2.26 -24.24
N PHE A 291 24.34 -2.71 -23.58
CA PHE A 291 23.62 -3.92 -24.02
C PHE A 291 22.21 -3.94 -23.47
N LEU A 292 21.38 -4.80 -24.06
CA LEU A 292 20.06 -5.07 -23.51
C LEU A 292 19.98 -6.52 -23.05
N GLY A 293 19.55 -6.74 -21.81
CA GLY A 293 19.22 -8.07 -21.35
C GLY A 293 17.76 -8.39 -21.59
N ILE A 294 17.46 -9.55 -22.16
CA ILE A 294 16.08 -9.92 -22.40
C ILE A 294 15.74 -11.17 -21.58
N ASN A 295 14.63 -11.09 -20.86
CA ASN A 295 14.10 -12.25 -20.16
C ASN A 295 12.91 -12.79 -20.93
N TYR A 296 13.03 -14.01 -21.44
CA TYR A 296 11.94 -14.58 -22.23
C TYR A 296 11.46 -15.89 -21.67
N TYR A 297 10.13 -16.06 -21.60
CA TYR A 297 9.55 -17.35 -21.19
C TYR A 297 8.41 -17.82 -22.09
N SER A 298 7.59 -16.90 -22.58
CA SER A 298 6.42 -17.31 -23.31
C SER A 298 5.86 -16.14 -24.10
N ARG A 299 4.70 -16.34 -24.73
CA ARG A 299 4.09 -15.33 -25.56
C ARG A 299 2.67 -15.10 -25.05
N MET A 300 1.97 -14.13 -25.62
CA MET A 300 0.53 -14.05 -25.41
C MET A 300 -0.22 -14.03 -26.74
N VAL A 301 -1.40 -14.65 -26.74
CA VAL A 301 -2.29 -14.64 -27.90
C VAL A 301 -3.48 -13.72 -27.54
N VAL A 302 -3.78 -12.76 -28.41
CA VAL A 302 -4.73 -11.69 -28.08
C VAL A 302 -5.89 -11.57 -29.07
N ARG A 303 -7.11 -11.49 -28.55
CA ARG A 303 -8.25 -11.11 -29.38
C ARG A 303 -8.81 -9.77 -28.93
N HIS A 304 -9.45 -9.08 -29.87
CA HIS A 304 -10.18 -7.86 -29.59
C HIS A 304 -11.43 -8.19 -28.77
N LYS A 305 -11.62 -7.48 -27.66
CA LYS A 305 -12.77 -7.68 -26.80
C LYS A 305 -13.12 -6.40 -26.07
N PRO A 306 -13.95 -5.54 -26.70
CA PRO A 306 -14.35 -4.25 -26.12
C PRO A 306 -14.96 -4.46 -24.74
N GLY A 307 -14.66 -3.56 -23.81
CA GLY A 307 -15.02 -3.76 -22.42
C GLY A 307 -14.08 -4.79 -21.82
N ASP A 308 -14.25 -5.07 -20.53
CA ASP A 308 -13.48 -6.11 -19.83
C ASP A 308 -12.01 -5.77 -19.58
N ASN A 309 -11.51 -4.73 -20.23
CA ASN A 309 -10.36 -3.93 -19.77
C ASN A 309 -10.07 -2.71 -20.64
N LEU A 310 -9.09 -1.93 -20.20
CA LEU A 310 -8.76 -0.64 -20.78
C LEU A 310 -8.23 -0.72 -22.21
N PHE A 311 -7.59 -1.83 -22.56
CA PHE A 311 -6.99 -1.95 -23.89
C PHE A 311 -7.98 -2.59 -24.86
N ASN A 312 -9.15 -2.98 -24.35
CA ASN A 312 -10.13 -3.74 -25.12
C ASN A 312 -9.51 -5.02 -25.67
N ALA A 313 -8.71 -5.67 -24.83
CA ALA A 313 -7.93 -6.82 -25.29
C ALA A 313 -7.97 -7.95 -24.28
N GLU A 314 -8.22 -9.15 -24.78
CA GLU A 314 -8.37 -10.31 -23.93
C GLU A 314 -7.32 -11.35 -24.28
N VAL A 315 -6.69 -11.94 -23.27
CA VAL A 315 -5.67 -12.97 -23.51
C VAL A 315 -6.34 -14.35 -23.64
N VAL A 316 -6.01 -15.05 -24.72
CA VAL A 316 -6.57 -16.37 -24.96
C VAL A 316 -5.66 -17.45 -24.37
N LYS A 317 -6.24 -18.36 -23.60
CA LYS A 317 -5.52 -19.52 -23.11
C LYS A 317 -5.41 -20.56 -24.21
N MET A 318 -4.18 -21.00 -24.48
CA MET A 318 -3.94 -22.02 -25.49
C MET A 318 -3.90 -23.42 -24.86
N GLU A 319 -5.08 -23.94 -24.55
CA GLU A 319 -5.20 -25.21 -23.81
C GLU A 319 -4.73 -26.43 -24.60
N ASP A 320 -4.64 -26.29 -25.91
CA ASP A 320 -4.32 -27.41 -26.79
C ASP A 320 -2.83 -27.53 -27.04
N ARG A 321 -2.05 -26.64 -26.43
CA ARG A 321 -0.62 -26.62 -26.65
C ARG A 321 0.14 -26.89 -25.36
N PRO A 322 1.35 -27.47 -25.46
CA PRO A 322 2.12 -27.82 -24.27
C PRO A 322 2.34 -26.62 -23.39
N SER A 323 2.43 -26.85 -22.09
CA SER A 323 2.73 -25.79 -21.13
C SER A 323 3.54 -26.31 -19.95
N THR A 324 4.20 -25.40 -19.25
CA THR A 324 4.99 -25.75 -18.08
C THR A 324 4.10 -25.75 -16.84
N GLU A 325 4.69 -26.06 -15.68
CA GLU A 325 3.96 -26.07 -14.40
C GLU A 325 3.47 -24.70 -13.96
N MET A 326 4.00 -23.64 -14.57
CA MET A 326 3.51 -22.30 -14.30
C MET A 326 2.23 -22.04 -15.10
N GLY A 327 1.96 -22.94 -16.05
CA GLY A 327 0.78 -22.83 -16.90
C GLY A 327 1.08 -22.01 -18.14
N TRP A 328 2.33 -21.64 -18.31
CA TRP A 328 2.78 -20.85 -19.44
C TRP A 328 2.97 -21.70 -20.70
N GLU A 329 2.44 -21.22 -21.82
CA GLU A 329 2.62 -21.90 -23.09
C GLU A 329 4.11 -22.06 -23.41
N ILE A 330 4.47 -23.22 -23.96
CA ILE A 330 5.82 -23.41 -24.48
C ILE A 330 5.78 -22.98 -25.94
N TYR A 331 6.55 -21.95 -26.27
CA TYR A 331 6.53 -21.39 -27.62
C TYR A 331 7.90 -20.79 -27.98
N PRO A 332 8.84 -21.65 -28.38
CA PRO A 332 10.24 -21.25 -28.63
C PRO A 332 10.39 -20.20 -29.73
N GLN A 333 9.47 -20.20 -30.69
CA GLN A 333 9.55 -19.29 -31.83
C GLN A 333 9.46 -17.84 -31.37
N GLY A 334 8.76 -17.61 -30.26
CA GLY A 334 8.66 -16.29 -29.67
C GLY A 334 10.02 -15.70 -29.33
N LEU A 335 10.96 -16.55 -28.91
CA LEU A 335 12.28 -16.06 -28.56
C LEU A 335 12.98 -15.49 -29.78
N TYR A 336 12.89 -16.20 -30.90
CA TYR A 336 13.40 -15.70 -32.18
C TYR A 336 12.76 -14.37 -32.55
N ASP A 337 11.42 -14.33 -32.47
CA ASP A 337 10.66 -13.18 -32.91
C ASP A 337 11.06 -11.93 -32.14
N ILE A 338 11.22 -12.07 -30.83
CA ILE A 338 11.50 -10.90 -30.01
C ILE A 338 12.93 -10.37 -30.22
N LEU A 339 13.88 -11.28 -30.45
CA LEU A 339 15.27 -10.87 -30.70
C LEU A 339 15.36 -10.09 -32.01
N VAL A 340 14.76 -10.65 -33.06
CA VAL A 340 14.72 -10.01 -34.36
C VAL A 340 14.03 -8.65 -34.27
N ARG A 341 12.88 -8.60 -33.61
CA ARG A 341 12.10 -7.36 -33.53
C ARG A 341 12.85 -6.26 -32.77
N VAL A 342 13.48 -6.63 -31.67
CA VAL A 342 14.26 -5.70 -30.88
C VAL A 342 15.39 -5.12 -31.72
N ASN A 343 16.13 -6.01 -32.40
CA ASN A 343 17.21 -5.57 -33.27
C ASN A 343 16.76 -4.73 -34.48
N LYS A 344 15.51 -4.88 -34.89
CA LYS A 344 15.00 -4.18 -36.07
C LYS A 344 14.46 -2.80 -35.71
N GLU A 345 13.69 -2.75 -34.63
CA GLU A 345 12.90 -1.59 -34.30
C GLU A 345 13.54 -0.71 -33.24
N TYR A 346 14.29 -1.29 -32.30
CA TYR A 346 14.76 -0.52 -31.14
C TYR A 346 16.26 -0.24 -31.06
N THR A 347 17.10 -1.22 -31.36
CA THR A 347 18.53 -1.03 -31.08
C THR A 347 19.46 -1.99 -31.82
N ASP A 348 20.64 -1.51 -32.15
CA ASP A 348 21.64 -2.36 -32.79
C ASP A 348 22.68 -2.85 -31.76
N LYS A 349 22.44 -2.56 -30.49
CA LYS A 349 23.34 -2.94 -29.42
C LYS A 349 23.38 -4.45 -29.23
N PRO A 350 24.49 -4.95 -28.68
CA PRO A 350 24.58 -6.35 -28.24
C PRO A 350 23.41 -6.75 -27.34
N LEU A 351 22.90 -7.95 -27.56
CA LEU A 351 21.78 -8.49 -26.79
C LEU A 351 22.22 -9.71 -26.01
N TYR A 352 21.67 -9.86 -24.80
CA TYR A 352 21.87 -11.05 -23.99
C TYR A 352 20.53 -11.59 -23.53
N ILE A 353 20.38 -12.91 -23.56
CA ILE A 353 19.25 -13.53 -22.89
C ILE A 353 19.67 -13.67 -21.42
N THR A 354 19.16 -12.79 -20.58
CA THR A 354 19.54 -12.78 -19.16
C THR A 354 18.72 -13.74 -18.29
N GLU A 355 17.59 -14.23 -18.82
CA GLU A 355 16.80 -15.30 -18.19
C GLU A 355 16.02 -16.03 -19.27
N ASN A 356 16.04 -17.36 -19.20
CA ASN A 356 15.09 -18.22 -19.90
C ASN A 356 15.17 -19.59 -19.25
N GLY A 357 14.03 -20.23 -19.06
CA GLY A 357 13.97 -21.50 -18.34
C GLY A 357 12.55 -21.97 -18.09
N ALA A 358 12.40 -23.03 -17.31
CA ALA A 358 11.08 -23.64 -17.13
C ALA A 358 10.96 -24.39 -15.81
N ALA A 359 9.76 -24.35 -15.24
CA ALA A 359 9.38 -25.16 -14.08
C ALA A 359 8.61 -26.40 -14.52
N PHE A 360 9.08 -27.56 -14.08
CA PHE A 360 8.36 -28.81 -14.26
C PHE A 360 8.38 -29.53 -12.92
N ASP A 361 7.53 -30.52 -12.77
CA ASP A 361 7.44 -31.26 -11.53
C ASP A 361 8.66 -32.16 -11.44
N ASP A 362 9.66 -31.76 -10.66
CA ASP A 362 10.90 -32.50 -10.53
C ASP A 362 10.81 -33.53 -9.42
N LYS A 363 11.34 -34.72 -9.68
CA LYS A 363 11.35 -35.78 -8.67
C LYS A 363 12.76 -36.27 -8.35
N LEU A 364 13.14 -36.19 -7.09
CA LEU A 364 14.45 -36.67 -6.69
C LEU A 364 14.46 -38.17 -6.37
N THR A 365 15.27 -38.93 -7.10
CA THR A 365 15.39 -40.38 -6.88
C THR A 365 16.33 -40.65 -5.70
N GLU A 366 16.45 -41.92 -5.33
CA GLU A 366 17.22 -42.28 -4.14
C GLU A 366 18.74 -42.19 -4.32
N GLU A 367 19.21 -42.26 -5.56
CA GLU A 367 20.63 -42.10 -5.81
C GLU A 367 20.94 -40.62 -6.05
N GLY A 368 19.95 -39.77 -5.76
CA GLY A 368 20.14 -38.34 -5.89
C GLY A 368 20.10 -37.84 -7.33
N LYS A 369 19.19 -38.39 -8.12
CA LYS A 369 19.05 -38.05 -9.54
C LYS A 369 17.72 -37.40 -9.83
N ILE A 370 17.72 -36.56 -10.87
CA ILE A 370 16.52 -35.90 -11.30
C ILE A 370 16.48 -36.02 -12.82
N HIS A 371 15.54 -36.80 -13.34
CA HIS A 371 15.46 -37.00 -14.78
C HIS A 371 14.50 -36.02 -15.43
N ASP A 372 14.93 -34.76 -15.51
CA ASP A 372 14.06 -33.69 -16.00
C ASP A 372 14.13 -33.47 -17.52
N GLU A 373 13.78 -34.50 -18.27
CA GLU A 373 13.81 -34.48 -19.73
C GLU A 373 13.00 -33.30 -20.33
N LYS A 374 11.90 -32.96 -19.70
CA LYS A 374 11.06 -31.89 -20.21
C LYS A 374 11.80 -30.55 -20.18
N ARG A 375 12.65 -30.37 -19.18
CA ARG A 375 13.44 -29.15 -19.06
C ARG A 375 14.54 -29.10 -20.14
N ILE A 376 15.21 -30.23 -20.35
CA ILE A 376 16.15 -30.40 -21.46
C ILE A 376 15.50 -30.08 -22.81
N ASN A 377 14.31 -30.63 -23.04
CA ASN A 377 13.59 -30.37 -24.29
C ASN A 377 13.23 -28.88 -24.42
N TYR A 378 12.71 -28.29 -23.36
CA TYR A 378 12.40 -26.85 -23.35
C TYR A 378 13.63 -26.02 -23.70
N LEU A 379 14.74 -26.28 -22.99
CA LEU A 379 15.97 -25.52 -23.15
C LEU A 379 16.59 -25.73 -24.53
N GLY A 380 16.65 -26.98 -24.98
CA GLY A 380 17.17 -27.25 -26.31
C GLY A 380 16.41 -26.51 -27.41
N ASP A 381 15.08 -26.49 -27.30
CA ASP A 381 14.25 -25.83 -28.31
C ASP A 381 14.50 -24.33 -28.33
N HIS A 382 14.74 -23.76 -27.14
CA HIS A 382 14.97 -22.33 -27.07
C HIS A 382 16.38 -21.96 -27.52
N PHE A 383 17.38 -22.76 -27.14
CA PHE A 383 18.75 -22.55 -27.67
C PHE A 383 18.74 -22.55 -29.22
N LYS A 384 17.97 -23.44 -29.82
CA LYS A 384 17.92 -23.54 -31.28
C LYS A 384 17.37 -22.26 -31.91
N GLN A 385 16.38 -21.65 -31.25
CA GLN A 385 15.83 -20.41 -31.75
C GLN A 385 16.80 -19.23 -31.56
N ALA A 386 17.61 -19.30 -30.51
CA ALA A 386 18.62 -18.26 -30.29
C ALA A 386 19.72 -18.40 -31.33
N TYR A 387 20.03 -19.63 -31.69
CA TYR A 387 21.00 -19.88 -32.77
C TYR A 387 20.51 -19.27 -34.07
N LYS A 388 19.21 -19.45 -34.34
CA LYS A 388 18.62 -18.98 -35.58
C LYS A 388 18.65 -17.45 -35.64
N ALA A 389 18.42 -16.80 -34.50
CA ALA A 389 18.55 -15.34 -34.43
C ALA A 389 20.00 -14.94 -34.75
N LEU A 390 20.93 -15.63 -34.13
CA LEU A 390 22.36 -15.35 -34.30
C LEU A 390 22.80 -15.51 -35.76
N LYS A 391 22.33 -16.59 -36.39
CA LYS A 391 22.66 -16.89 -37.77
C LYS A 391 22.17 -15.78 -38.71
N ASP A 392 21.01 -15.23 -38.38
CA ASP A 392 20.36 -14.20 -39.18
C ASP A 392 20.81 -12.78 -38.87
N GLY A 393 21.88 -12.62 -38.11
CA GLY A 393 22.45 -11.30 -37.88
C GLY A 393 22.24 -10.60 -36.54
N VAL A 394 21.44 -11.17 -35.65
CA VAL A 394 21.25 -10.54 -34.34
C VAL A 394 22.55 -10.64 -33.53
N PRO A 395 23.01 -9.53 -32.92
CA PRO A 395 24.26 -9.60 -32.16
C PRO A 395 24.06 -10.19 -30.75
N LEU A 396 23.67 -11.45 -30.69
CA LEU A 396 23.43 -12.11 -29.40
C LEU A 396 24.75 -12.61 -28.85
N ARG A 397 25.10 -12.18 -27.64
CA ARG A 397 26.41 -12.45 -27.05
C ARG A 397 26.38 -13.54 -25.96
N GLY A 398 25.22 -13.79 -25.40
CA GLY A 398 25.16 -14.73 -24.29
C GLY A 398 23.75 -15.14 -23.90
N TYR A 399 23.68 -16.19 -23.09
CA TYR A 399 22.42 -16.83 -22.73
C TYR A 399 22.51 -17.33 -21.29
N TYR A 400 21.70 -16.77 -20.40
CA TYR A 400 21.71 -17.24 -19.01
C TYR A 400 20.46 -18.06 -18.71
N VAL A 401 20.65 -19.31 -18.27
CA VAL A 401 19.53 -20.13 -17.87
C VAL A 401 18.97 -19.69 -16.50
N TRP A 402 17.67 -19.45 -16.43
CA TRP A 402 17.02 -19.33 -15.13
C TRP A 402 16.52 -20.74 -14.77
N SER A 403 17.06 -21.36 -13.72
CA SER A 403 17.99 -20.76 -12.79
C SER A 403 19.13 -21.74 -12.51
N LEU A 404 20.20 -21.27 -11.89
CA LEU A 404 21.27 -22.15 -11.47
C LEU A 404 20.73 -23.25 -10.54
N MET A 405 19.85 -22.87 -9.62
CA MET A 405 19.30 -23.80 -8.65
C MET A 405 17.86 -23.48 -8.34
N ASP A 406 17.13 -24.50 -7.89
CA ASP A 406 15.78 -24.31 -7.35
C ASP A 406 15.80 -23.22 -6.28
N ASN A 407 14.73 -22.45 -6.22
CA ASN A 407 14.70 -21.32 -5.31
C ASN A 407 13.29 -20.86 -4.94
N PHE A 408 13.22 -19.76 -4.18
CA PHE A 408 11.94 -19.20 -3.75
C PHE A 408 11.28 -18.51 -4.94
N GLU A 409 10.26 -19.14 -5.49
CA GLU A 409 9.59 -18.60 -6.69
C GLU A 409 8.50 -17.60 -6.31
N TRP A 410 8.92 -16.51 -5.67
CA TRP A 410 8.02 -15.39 -5.36
C TRP A 410 6.70 -15.83 -4.70
N ALA A 411 5.55 -15.45 -5.28
CA ALA A 411 4.27 -15.79 -4.66
C ALA A 411 3.99 -17.31 -4.59
N TYR A 412 4.66 -18.07 -5.45
CA TYR A 412 4.51 -19.53 -5.44
C TYR A 412 5.36 -20.23 -4.40
N GLY A 413 6.27 -19.50 -3.75
CA GLY A 413 7.17 -20.12 -2.78
C GLY A 413 8.04 -21.20 -3.40
N TYR A 414 8.31 -22.26 -2.64
CA TYR A 414 9.24 -23.32 -3.08
C TYR A 414 8.58 -24.40 -3.94
N SER A 415 7.30 -24.25 -4.26
CA SER A 415 6.55 -25.28 -4.97
C SER A 415 6.87 -25.33 -6.46
N LYS A 416 7.59 -24.34 -6.95
CA LYS A 416 7.97 -24.28 -8.36
C LYS A 416 9.48 -24.29 -8.48
N ARG A 417 10.00 -25.29 -9.18
CA ARG A 417 11.43 -25.49 -9.34
C ARG A 417 11.92 -25.19 -10.77
N PHE A 418 12.77 -24.18 -10.89
CA PHE A 418 13.35 -23.75 -12.17
C PHE A 418 14.83 -24.16 -12.33
N GLY A 419 15.41 -24.76 -11.30
CA GLY A 419 16.86 -24.98 -11.30
C GLY A 419 17.47 -26.02 -12.24
N LEU A 420 18.73 -25.83 -12.59
CA LEU A 420 19.54 -26.87 -13.20
C LEU A 420 19.98 -27.82 -12.07
N ILE A 421 19.98 -27.28 -10.86
CA ILE A 421 20.40 -28.00 -9.68
C ILE A 421 19.19 -28.12 -8.75
N TYR A 422 18.94 -29.35 -8.28
CA TYR A 422 17.84 -29.57 -7.34
C TYR A 422 18.30 -29.22 -5.93
N VAL A 423 17.46 -28.52 -5.18
CA VAL A 423 17.79 -28.19 -3.80
C VAL A 423 16.88 -28.96 -2.85
N ASP A 424 17.49 -29.83 -2.07
CA ASP A 424 16.74 -30.66 -1.13
C ASP A 424 16.71 -29.90 0.20
N TYR A 425 15.82 -28.90 0.28
CA TYR A 425 15.85 -27.90 1.35
C TYR A 425 15.99 -28.46 2.78
N GLU A 426 15.19 -29.46 3.13
CA GLU A 426 15.07 -29.91 4.50
C GLU A 426 16.11 -30.97 4.89
N ASN A 427 16.96 -31.37 3.94
CA ASN A 427 18.05 -32.29 4.23
C ASN A 427 19.41 -31.63 4.11
N GLY A 428 19.75 -30.78 5.08
CA GLY A 428 21.00 -30.06 5.04
C GLY A 428 21.14 -29.12 3.84
N ASN A 429 20.03 -28.80 3.19
CA ASN A 429 20.02 -27.91 2.02
C ASN A 429 20.99 -28.43 0.97
N ARG A 430 20.96 -29.74 0.73
CA ARG A 430 21.91 -30.36 -0.17
C ARG A 430 21.54 -30.15 -1.63
N ARG A 431 22.57 -30.07 -2.47
CA ARG A 431 22.37 -29.83 -3.89
C ARG A 431 22.61 -31.10 -4.73
N PHE A 432 21.80 -31.27 -5.77
CA PHE A 432 21.98 -32.39 -6.69
C PHE A 432 21.88 -31.87 -8.10
N LEU A 433 22.84 -32.22 -8.95
CA LEU A 433 22.79 -31.84 -10.36
C LEU A 433 21.66 -32.59 -11.07
N LYS A 434 20.72 -31.87 -11.66
CA LYS A 434 19.67 -32.55 -12.45
C LYS A 434 20.26 -33.03 -13.79
N ASP A 435 19.54 -33.86 -14.52
CA ASP A 435 20.01 -34.25 -15.85
C ASP A 435 20.21 -33.03 -16.75
N SER A 436 19.35 -32.02 -16.60
CA SER A 436 19.50 -30.78 -17.41
C SER A 436 20.85 -30.09 -17.16
N ALA A 437 21.33 -30.17 -15.93
CA ALA A 437 22.66 -29.66 -15.61
C ALA A 437 23.73 -30.46 -16.37
N LEU A 438 23.56 -31.78 -16.42
CA LEU A 438 24.53 -32.64 -17.09
C LEU A 438 24.51 -32.40 -18.61
N TRP A 439 23.30 -32.17 -19.13
CA TRP A 439 23.12 -31.86 -20.55
C TRP A 439 23.73 -30.50 -20.93
N TYR A 440 23.44 -29.49 -20.12
CA TYR A 440 23.99 -28.14 -20.32
C TYR A 440 25.51 -28.16 -20.33
N ARG A 441 26.09 -28.94 -19.43
CA ARG A 441 27.54 -29.09 -19.38
C ARG A 441 28.12 -29.57 -20.73
N GLU A 442 27.44 -30.52 -21.36
CA GLU A 442 27.88 -31.02 -22.67
C GLU A 442 27.69 -29.97 -23.76
N VAL A 443 26.59 -29.22 -23.68
CA VAL A 443 26.35 -28.12 -24.61
C VAL A 443 27.48 -27.07 -24.59
N ILE A 444 27.84 -26.61 -23.40
CA ILE A 444 28.86 -25.58 -23.24
C ILE A 444 30.23 -26.07 -23.69
N GLU A 445 30.53 -27.31 -23.36
CA GLU A 445 31.84 -27.88 -23.68
C GLU A 445 32.04 -27.84 -25.19
N LYS A 446 31.04 -28.30 -25.94
CA LYS A 446 31.14 -28.45 -27.38
C LYS A 446 30.60 -27.26 -28.17
N GLY A 447 29.94 -26.34 -27.50
CA GLY A 447 29.31 -25.21 -28.15
C GLY A 447 28.23 -25.62 -29.16
N GLN A 448 27.61 -26.76 -28.93
CA GLN A 448 26.59 -27.24 -29.86
C GLN A 448 25.45 -28.04 -29.24
N VAL A 449 24.28 -27.92 -29.85
CA VAL A 449 23.08 -28.58 -29.34
C VAL A 449 22.71 -29.78 -30.21
N ILE B 5 -35.88 14.10 33.47
CA ILE B 5 -34.63 14.14 32.73
C ILE B 5 -34.35 15.51 32.15
N ILE B 6 -33.57 16.30 32.89
CA ILE B 6 -33.30 17.69 32.54
C ILE B 6 -31.79 17.95 32.46
N PHE B 7 -31.33 18.36 31.27
CA PHE B 7 -29.92 18.67 31.06
C PHE B 7 -29.64 20.12 31.44
N PRO B 8 -28.37 20.43 31.78
CA PRO B 8 -28.00 21.81 32.11
C PRO B 8 -28.34 22.80 31.00
N GLU B 9 -28.62 24.03 31.43
CA GLU B 9 -29.09 25.11 30.56
C GLU B 9 -28.20 25.33 29.34
N ASP B 10 -26.90 25.23 29.57
CA ASP B 10 -25.94 25.50 28.51
C ASP B 10 -25.22 24.25 28.01
N PHE B 11 -25.88 23.11 28.11
CA PHE B 11 -25.37 21.87 27.56
C PHE B 11 -25.21 22.06 26.06
N ILE B 12 -24.11 21.54 25.54
CA ILE B 12 -23.80 21.78 24.15
C ILE B 12 -24.40 20.69 23.27
N TRP B 13 -25.60 20.95 22.77
CA TRP B 13 -26.24 20.04 21.83
C TRP B 13 -25.81 20.41 20.42
N GLY B 14 -25.31 19.44 19.66
CA GLY B 14 -24.86 19.72 18.30
C GLY B 14 -25.16 18.60 17.33
N ALA B 15 -24.55 18.68 16.15
CA ALA B 15 -24.62 17.66 15.14
C ALA B 15 -23.30 17.70 14.39
N ALA B 16 -22.91 16.56 13.82
CA ALA B 16 -21.56 16.40 13.27
C ALA B 16 -21.58 15.95 11.81
N THR B 17 -20.55 16.33 11.05
CA THR B 17 -20.31 15.84 9.69
C THR B 17 -18.81 15.67 9.49
N SER B 18 -18.40 15.21 8.31
CA SER B 18 -16.98 15.28 7.92
C SER B 18 -16.82 15.78 6.47
N SER B 19 -15.63 16.28 6.15
CA SER B 19 -15.41 16.92 4.84
C SER B 19 -15.62 16.00 3.64
N TYR B 20 -14.94 14.86 3.61
CA TYR B 20 -15.12 13.95 2.47
C TYR B 20 -16.54 13.44 2.36
N GLN B 21 -17.23 13.33 3.49
CA GLN B 21 -18.54 12.68 3.46
C GLN B 21 -19.68 13.60 2.95
N ILE B 22 -19.49 14.92 2.99
CA ILE B 22 -20.56 15.85 2.57
C ILE B 22 -20.23 16.88 1.47
N GLU B 23 -18.95 17.27 1.34
CA GLU B 23 -18.63 18.48 0.56
C GLU B 23 -18.81 18.38 -0.95
N GLY B 24 -18.35 17.27 -1.53
CA GLY B 24 -18.22 17.16 -2.97
C GLY B 24 -17.13 18.09 -3.49
N ALA B 25 -17.35 18.66 -4.69
CA ALA B 25 -16.36 19.54 -5.31
C ALA B 25 -14.96 18.95 -5.18
N PHE B 26 -14.82 17.68 -5.54
CA PHE B 26 -13.62 16.92 -5.19
C PHE B 26 -12.37 17.37 -5.96
N ASN B 27 -12.55 18.00 -7.12
CA ASN B 27 -11.39 18.46 -7.89
C ASN B 27 -11.52 19.90 -8.37
N GLU B 28 -12.29 20.69 -7.64
CA GLU B 28 -12.65 22.03 -8.02
C GLU B 28 -11.80 23.04 -7.25
N ASP B 29 -11.66 24.23 -7.82
CA ASP B 29 -11.16 25.40 -7.09
C ASP B 29 -9.81 25.16 -6.42
N GLY B 30 -8.96 24.41 -7.12
CA GLY B 30 -7.58 24.22 -6.71
C GLY B 30 -7.37 23.07 -5.75
N LYS B 31 -8.45 22.41 -5.32
CA LYS B 31 -8.32 21.32 -4.34
C LYS B 31 -7.38 20.22 -4.85
N GLY B 32 -6.54 19.69 -3.95
CA GLY B 32 -5.68 18.57 -4.31
C GLY B 32 -6.33 17.23 -4.03
N GLU B 33 -5.85 16.20 -4.70
CA GLU B 33 -6.40 14.88 -4.55
C GLU B 33 -6.15 14.30 -3.16
N SER B 34 -7.14 13.63 -2.59
CA SER B 34 -6.95 12.92 -1.33
C SER B 34 -6.89 11.41 -1.53
N ILE B 35 -6.57 10.69 -0.46
CA ILE B 35 -6.52 9.24 -0.54
C ILE B 35 -7.90 8.65 -0.72
N TRP B 36 -8.93 9.37 -0.25
CA TRP B 36 -10.30 8.90 -0.45
C TRP B 36 -10.82 9.14 -1.87
N ASP B 37 -10.31 10.18 -2.54
CA ASP B 37 -10.53 10.31 -3.98
C ASP B 37 -9.93 9.09 -4.68
N ARG B 38 -8.66 8.81 -4.39
CA ARG B 38 -7.97 7.71 -5.07
C ARG B 38 -8.67 6.39 -4.78
N PHE B 39 -8.94 6.13 -3.51
CA PHE B 39 -9.66 4.92 -3.09
C PHE B 39 -11.04 4.76 -3.74
N SER B 40 -11.89 5.79 -3.68
CA SER B 40 -13.23 5.69 -4.26
CA SER B 40 -13.24 5.68 -4.25
C SER B 40 -13.21 5.49 -5.76
N HIS B 41 -12.13 5.93 -6.40
CA HIS B 41 -12.02 5.76 -7.85
C HIS B 41 -11.33 4.43 -8.22
N THR B 42 -11.05 3.60 -7.21
CA THR B 42 -10.51 2.25 -7.46
C THR B 42 -11.68 1.27 -7.49
N PRO B 43 -11.75 0.43 -8.54
CA PRO B 43 -12.89 -0.49 -8.64
C PRO B 43 -12.90 -1.53 -7.53
N GLY B 44 -14.08 -1.87 -7.03
CA GLY B 44 -14.22 -2.88 -5.99
C GLY B 44 -14.19 -2.42 -4.55
N LYS B 45 -13.90 -1.14 -4.32
CA LYS B 45 -13.71 -0.65 -2.95
C LYS B 45 -14.97 -0.13 -2.24
N ILE B 46 -15.92 0.42 -2.99
CA ILE B 46 -17.10 1.02 -2.40
C ILE B 46 -18.37 0.33 -2.93
N GLU B 47 -19.34 0.09 -2.04
CA GLU B 47 -20.60 -0.48 -2.44
C GLU B 47 -21.21 0.32 -3.60
N ASN B 48 -21.69 -0.38 -4.62
CA ASN B 48 -22.38 0.21 -5.77
C ASN B 48 -21.52 1.14 -6.63
N GLY B 49 -20.22 1.18 -6.37
CA GLY B 49 -19.34 2.06 -7.10
C GLY B 49 -19.45 3.53 -6.69
N ASP B 50 -20.03 3.80 -5.52
CA ASP B 50 -20.21 5.17 -5.03
C ASP B 50 -18.87 5.90 -4.83
N THR B 51 -18.91 7.23 -5.00
CA THR B 51 -17.74 8.05 -4.69
C THR B 51 -18.16 9.31 -3.95
N GLY B 52 -17.19 10.03 -3.37
CA GLY B 52 -17.49 11.31 -2.74
C GLY B 52 -17.38 12.50 -3.67
N ASP B 53 -17.37 12.24 -4.98
CA ASP B 53 -17.15 13.29 -5.99
C ASP B 53 -18.08 14.50 -5.80
N ILE B 54 -19.36 14.21 -5.52
CA ILE B 54 -20.38 15.24 -5.35
C ILE B 54 -20.99 15.21 -3.94
N ALA B 55 -21.29 14.02 -3.45
CA ALA B 55 -21.83 13.85 -2.09
C ALA B 55 -23.04 14.76 -1.87
N CYS B 56 -23.08 15.48 -0.75
CA CYS B 56 -24.22 16.38 -0.49
C CYS B 56 -24.03 17.75 -1.14
N ASP B 57 -22.94 17.89 -1.90
CA ASP B 57 -22.59 19.17 -2.54
C ASP B 57 -22.61 20.33 -1.54
N HIS B 58 -22.24 20.04 -0.30
CA HIS B 58 -22.17 21.05 0.75
C HIS B 58 -21.18 22.17 0.46
N TYR B 59 -20.13 21.88 -0.31
CA TYR B 59 -19.19 22.92 -0.73
C TYR B 59 -19.92 24.09 -1.40
N HIS B 60 -20.91 23.79 -2.23
CA HIS B 60 -21.72 24.85 -2.88
C HIS B 60 -23.00 25.21 -2.09
N LEU B 61 -23.48 24.30 -1.27
CA LEU B 61 -24.78 24.50 -0.62
C LEU B 61 -24.73 24.89 0.85
N TYR B 62 -23.54 25.19 1.37
CA TYR B 62 -23.33 25.43 2.81
C TYR B 62 -24.25 26.50 3.42
N ARG B 63 -24.61 27.51 2.63
CA ARG B 63 -25.48 28.57 3.11
C ARG B 63 -26.88 28.04 3.43
N GLU B 64 -27.40 27.19 2.55
CA GLU B 64 -28.66 26.50 2.82
C GLU B 64 -28.54 25.58 4.03
N ASP B 65 -27.41 24.88 4.15
CA ASP B 65 -27.24 23.92 5.25
C ASP B 65 -27.22 24.63 6.60
N ILE B 66 -26.62 25.81 6.64
CA ILE B 66 -26.65 26.62 7.85
C ILE B 66 -28.08 27.07 8.20
N GLU B 67 -28.89 27.39 7.19
CA GLU B 67 -30.30 27.68 7.45
C GLU B 67 -30.98 26.46 8.08
N LEU B 68 -30.65 25.27 7.60
CA LEU B 68 -31.24 24.06 8.17
C LEU B 68 -30.77 23.80 9.61
N MET B 69 -29.55 24.19 9.94
CA MET B 69 -29.02 24.04 11.30
C MET B 69 -29.76 24.94 12.28
N LYS B 70 -30.13 26.12 11.80
CA LYS B 70 -30.88 27.08 12.62
C LYS B 70 -32.29 26.55 12.79
N GLU B 71 -32.83 25.93 11.76
CA GLU B 71 -34.18 25.39 11.84
C GLU B 71 -34.26 24.29 12.89
N ILE B 72 -33.20 23.49 12.99
CA ILE B 72 -33.12 22.46 14.05
C ILE B 72 -32.81 23.07 15.42
N GLY B 73 -32.02 24.14 15.43
CA GLY B 73 -31.63 24.80 16.67
C GLY B 73 -30.38 24.27 17.38
N ILE B 74 -29.51 23.55 16.65
CA ILE B 74 -28.28 23.06 17.26
C ILE B 74 -27.43 24.20 17.78
N ARG B 75 -26.71 23.96 18.87
CA ARG B 75 -25.97 25.05 19.49
C ARG B 75 -24.51 25.05 19.02
N SER B 76 -24.09 23.92 18.48
CA SER B 76 -22.73 23.77 18.00
C SER B 76 -22.69 22.84 16.80
N TYR B 77 -21.78 23.09 15.87
CA TYR B 77 -21.67 22.27 14.67
C TYR B 77 -20.25 21.74 14.57
N ARG B 78 -20.12 20.42 14.50
CA ARG B 78 -18.80 19.80 14.38
C ARG B 78 -18.57 19.32 12.94
N PHE B 79 -17.52 19.86 12.35
CA PHE B 79 -17.20 19.54 10.98
C PHE B 79 -15.70 19.33 10.89
N SER B 80 -15.25 18.78 9.78
CA SER B 80 -13.82 18.65 9.59
C SER B 80 -13.42 19.50 8.40
N THR B 81 -12.15 19.88 8.38
CA THR B 81 -11.59 20.65 7.28
C THR B 81 -10.74 19.72 6.43
N SER B 82 -10.83 19.89 5.12
CA SER B 82 -10.05 19.09 4.19
C SER B 82 -8.62 19.63 4.04
N TRP B 83 -7.66 18.86 4.54
CA TRP B 83 -6.24 19.16 4.42
C TRP B 83 -5.84 19.40 2.95
N PRO B 84 -6.18 18.49 2.02
CA PRO B 84 -5.70 18.78 0.66
C PRO B 84 -6.52 19.84 -0.09
N ARG B 85 -7.68 20.25 0.42
CA ARG B 85 -8.39 21.39 -0.18
C ARG B 85 -7.67 22.69 0.17
N ILE B 86 -7.00 22.68 1.32
CA ILE B 86 -6.28 23.84 1.83
C ILE B 86 -4.80 23.84 1.42
N LEU B 87 -4.16 22.67 1.49
CA LEU B 87 -2.77 22.50 1.06
C LEU B 87 -2.76 21.35 0.06
N PRO B 88 -2.87 21.67 -1.23
CA PRO B 88 -3.04 20.63 -2.25
C PRO B 88 -1.93 19.59 -2.23
N GLU B 89 -0.69 20.02 -1.98
CA GLU B 89 0.44 19.09 -1.88
C GLU B 89 0.69 18.61 -0.44
N GLY B 90 -0.11 19.09 0.51
CA GLY B 90 0.00 18.64 1.88
C GLY B 90 0.89 19.53 2.72
N LYS B 91 1.75 20.31 2.06
CA LYS B 91 2.62 21.27 2.71
C LYS B 91 2.89 22.36 1.70
N GLY B 92 3.41 23.49 2.17
CA GLY B 92 3.85 24.53 1.29
C GLY B 92 2.72 25.46 0.85
N ARG B 93 2.46 25.48 -0.44
CA ARG B 93 1.52 26.41 -1.06
C ARG B 93 0.10 26.22 -0.49
N VAL B 94 -0.55 27.34 -0.18
CA VAL B 94 -1.93 27.34 0.32
C VAL B 94 -2.91 27.63 -0.81
N ASN B 95 -3.92 26.78 -0.95
CA ASN B 95 -4.99 26.99 -1.94
C ASN B 95 -5.99 27.99 -1.37
N GLN B 96 -5.95 29.23 -1.83
CA GLN B 96 -6.75 30.28 -1.17
C GLN B 96 -8.26 30.10 -1.32
N LYS B 97 -8.72 29.61 -2.46
CA LYS B 97 -10.15 29.29 -2.58
C LYS B 97 -10.59 28.19 -1.60
N GLY B 98 -9.70 27.24 -1.33
CA GLY B 98 -10.01 26.19 -0.37
C GLY B 98 -10.15 26.76 1.03
N LEU B 99 -9.15 27.54 1.43
CA LEU B 99 -9.19 28.19 2.74
C LEU B 99 -10.33 29.20 2.84
N ASP B 100 -10.57 29.97 1.77
CA ASP B 100 -11.66 30.96 1.79
C ASP B 100 -13.04 30.33 2.02
N PHE B 101 -13.25 29.12 1.49
CA PHE B 101 -14.51 28.40 1.76
C PHE B 101 -14.75 28.21 3.27
N TYR B 102 -13.73 27.74 4.00
CA TYR B 102 -13.87 27.55 5.44
C TYR B 102 -14.02 28.86 6.19
N LYS B 103 -13.41 29.92 5.68
CA LYS B 103 -13.59 31.23 6.28
C LYS B 103 -15.04 31.73 6.13
N ARG B 104 -15.64 31.57 4.94
CA ARG B 104 -17.06 31.94 4.77
C ARG B 104 -17.97 31.05 5.64
N LEU B 105 -17.64 29.75 5.70
CA LEU B 105 -18.44 28.82 6.50
C LEU B 105 -18.46 29.24 7.96
N VAL B 106 -17.27 29.44 8.53
CA VAL B 106 -17.14 29.84 9.92
C VAL B 106 -17.83 31.20 10.18
N ASP B 107 -17.62 32.16 9.30
CA ASP B 107 -18.31 33.46 9.40
C ASP B 107 -19.83 33.32 9.49
N ASN B 108 -20.39 32.47 8.63
CA ASN B 108 -21.83 32.22 8.63
C ASN B 108 -22.33 31.52 9.90
N LEU B 109 -21.57 30.56 10.40
CA LEU B 109 -21.90 29.88 11.66
C LEU B 109 -21.95 30.86 12.83
N LEU B 110 -20.95 31.73 12.90
CA LEU B 110 -20.88 32.75 13.96
C LEU B 110 -22.06 33.71 13.87
N LYS B 111 -22.37 34.15 12.65
CA LYS B 111 -23.52 35.02 12.46
C LYS B 111 -24.83 34.30 12.81
N ALA B 112 -24.81 32.97 12.75
CA ALA B 112 -26.02 32.19 13.03
C ALA B 112 -26.09 31.79 14.49
N ASN B 113 -25.11 32.26 15.26
CA ASN B 113 -24.94 31.88 16.67
C ASN B 113 -24.72 30.38 16.91
N ILE B 114 -24.05 29.75 15.96
CA ILE B 114 -23.67 28.35 16.08
C ILE B 114 -22.17 28.23 16.32
N ARG B 115 -21.81 27.58 17.42
CA ARG B 115 -20.42 27.48 17.86
C ARG B 115 -19.67 26.38 17.08
N PRO B 116 -18.65 26.77 16.31
CA PRO B 116 -17.97 25.76 15.49
C PRO B 116 -17.02 24.90 16.32
N MET B 117 -16.99 23.60 16.01
CA MET B 117 -15.91 22.72 16.48
C MET B 117 -15.23 22.14 15.26
N ILE B 118 -13.95 22.46 15.06
CA ILE B 118 -13.20 21.93 13.91
C ILE B 118 -12.42 20.65 14.21
N THR B 119 -12.65 19.62 13.39
CA THR B 119 -11.81 18.45 13.40
C THR B 119 -10.78 18.60 12.29
N LEU B 120 -9.50 18.57 12.66
CA LEU B 120 -8.45 18.85 11.68
C LEU B 120 -8.23 17.65 10.74
N TYR B 121 -8.22 16.45 11.31
CA TYR B 121 -8.04 15.25 10.49
C TYR B 121 -9.18 14.24 10.66
N HIS B 122 -10.03 14.17 9.64
CA HIS B 122 -11.06 13.15 9.55
C HIS B 122 -10.86 12.35 8.25
N TRP B 123 -9.62 11.86 8.07
CA TRP B 123 -9.27 10.71 7.21
C TRP B 123 -8.81 11.06 5.80
N ASP B 124 -9.01 12.30 5.36
CA ASP B 124 -8.74 12.65 3.95
C ASP B 124 -7.30 13.16 3.74
N LEU B 125 -6.32 12.32 4.02
CA LEU B 125 -4.91 12.67 3.78
C LEU B 125 -4.65 13.05 2.31
N PRO B 126 -3.85 14.09 2.09
CA PRO B 126 -3.41 14.39 0.71
C PRO B 126 -2.70 13.21 0.05
N GLN B 127 -3.14 12.86 -1.16
CA GLN B 127 -2.49 11.80 -1.94
C GLN B 127 -0.99 12.08 -2.15
N ALA B 128 -0.64 13.35 -2.29
CA ALA B 128 0.77 13.72 -2.45
C ALA B 128 1.60 13.27 -1.25
N LEU B 129 1.00 13.23 -0.07
CA LEU B 129 1.71 12.77 1.12
C LEU B 129 1.69 11.25 1.19
N GLN B 130 0.59 10.65 0.75
CA GLN B 130 0.52 9.18 0.67
C GLN B 130 1.61 8.64 -0.28
N ASP B 131 1.88 9.39 -1.35
CA ASP B 131 2.92 9.00 -2.31
C ASP B 131 4.33 9.00 -1.68
N LYS B 132 4.45 9.68 -0.54
CA LYS B 132 5.71 9.69 0.21
C LYS B 132 5.63 8.83 1.47
N GLY B 133 4.74 7.84 1.42
CA GLY B 133 4.61 6.89 2.50
C GLY B 133 3.43 7.12 3.43
N GLY B 134 2.79 8.29 3.33
CA GLY B 134 1.66 8.60 4.19
C GLY B 134 2.02 8.50 5.66
N TRP B 135 1.19 7.79 6.43
CA TRP B 135 1.36 7.78 7.88
C TRP B 135 2.49 6.89 8.43
N THR B 136 3.16 6.12 7.57
CA THR B 136 4.39 5.42 7.99
C THR B 136 5.61 6.34 7.93
N ASN B 137 5.48 7.48 7.27
CA ASN B 137 6.58 8.46 7.18
C ASN B 137 6.40 9.47 8.30
N ARG B 138 7.41 9.58 9.15
CA ARG B 138 7.35 10.44 10.33
C ARG B 138 7.18 11.91 9.94
N ASP B 139 7.63 12.28 8.74
CA ASP B 139 7.46 13.65 8.24
C ASP B 139 5.99 14.05 8.06
N THR B 140 5.13 13.05 7.89
CA THR B 140 3.70 13.33 7.77
C THR B 140 3.16 13.90 9.08
N ALA B 141 3.74 13.48 10.20
CA ALA B 141 3.37 14.04 11.50
C ALA B 141 3.76 15.53 11.59
N LYS B 142 4.95 15.86 11.11
CA LYS B 142 5.40 17.26 11.09
C LYS B 142 4.51 18.10 10.17
N TYR B 143 4.15 17.56 9.00
CA TYR B 143 3.33 18.31 8.07
C TYR B 143 1.92 18.53 8.62
N PHE B 144 1.39 17.53 9.32
CA PHE B 144 0.11 17.69 9.99
C PHE B 144 0.18 18.83 10.99
N ALA B 145 1.26 18.86 11.78
CA ALA B 145 1.49 19.92 12.75
C ALA B 145 1.51 21.31 12.12
N GLU B 146 2.11 21.45 10.93
CA GLU B 146 2.15 22.76 10.28
C GLU B 146 0.81 23.16 9.68
N TYR B 147 0.07 22.16 9.21
CA TYR B 147 -1.32 22.33 8.77
C TYR B 147 -2.10 22.90 9.94
N ALA B 148 -1.94 22.26 11.10
CA ALA B 148 -2.58 22.71 12.33
C ALA B 148 -2.23 24.17 12.66
N ARG B 149 -0.95 24.51 12.62
CA ARG B 149 -0.50 25.89 12.86
C ARG B 149 -1.20 26.88 11.93
N LEU B 150 -1.32 26.52 10.66
CA LEU B 150 -1.95 27.38 9.65
C LEU B 150 -3.39 27.66 10.04
N MET B 151 -4.09 26.60 10.42
CA MET B 151 -5.50 26.71 10.79
C MET B 151 -5.68 27.49 12.09
N PHE B 152 -4.84 27.23 13.08
CA PHE B 152 -4.90 27.93 14.36
C PHE B 152 -4.71 29.44 14.16
N GLU B 153 -3.73 29.81 13.35
CA GLU B 153 -3.49 31.22 13.02
C GLU B 153 -4.64 31.84 12.28
N GLU B 154 -5.18 31.12 11.30
CA GLU B 154 -6.25 31.69 10.48
C GLU B 154 -7.53 31.87 11.28
N PHE B 155 -7.80 30.96 12.21
CA PHE B 155 -9.04 31.03 12.99
C PHE B 155 -8.88 31.42 14.47
N ASN B 156 -7.76 32.06 14.79
CA ASN B 156 -7.53 32.58 16.14
C ASN B 156 -8.63 33.58 16.49
N GLY B 157 -9.40 33.28 17.54
CA GLY B 157 -10.50 34.14 17.94
C GLY B 157 -11.80 33.90 17.21
N LEU B 158 -11.82 32.96 16.27
CA LEU B 158 -13.04 32.65 15.53
C LEU B 158 -13.58 31.28 15.90
N VAL B 159 -12.70 30.30 16.01
CA VAL B 159 -13.08 28.96 16.42
C VAL B 159 -12.43 28.66 17.76
N ASP B 160 -13.21 28.18 18.72
CA ASP B 160 -12.67 27.89 20.05
C ASP B 160 -12.80 26.44 20.51
N LEU B 161 -13.28 25.58 19.64
CA LEU B 161 -13.31 24.14 19.90
C LEU B 161 -12.55 23.42 18.79
N TRP B 162 -11.49 22.70 19.17
CA TRP B 162 -10.61 22.05 18.21
C TRP B 162 -10.36 20.57 18.52
N VAL B 163 -10.41 19.76 17.49
CA VAL B 163 -10.02 18.35 17.60
C VAL B 163 -8.92 18.06 16.59
N THR B 164 -7.83 17.47 17.07
CA THR B 164 -6.73 17.12 16.17
C THR B 164 -7.14 15.99 15.25
N HIS B 165 -7.49 14.84 15.84
CA HIS B 165 -7.75 13.62 15.09
C HIS B 165 -9.12 13.02 15.38
N ASN B 166 -9.73 12.42 14.37
CA ASN B 166 -10.94 11.63 14.57
C ASN B 166 -10.62 10.14 14.42
N GLU B 167 -10.88 9.38 15.47
CA GLU B 167 -10.78 7.91 15.44
C GLU B 167 -9.49 7.33 14.82
N PRO B 168 -8.33 7.60 15.45
CA PRO B 168 -7.08 7.05 14.90
C PRO B 168 -7.05 5.52 14.80
N TRP B 169 -7.77 4.82 15.67
CA TRP B 169 -7.89 3.37 15.52
C TRP B 169 -8.41 3.01 14.13
N VAL B 170 -9.49 3.66 13.70
CA VAL B 170 -10.05 3.33 12.40
C VAL B 170 -9.05 3.69 11.29
N VAL B 171 -8.50 4.89 11.33
CA VAL B 171 -7.47 5.30 10.36
C VAL B 171 -6.36 4.26 10.28
N ALA B 172 -5.83 3.84 11.44
CA ALA B 172 -4.76 2.87 11.48
C ALA B 172 -5.16 1.48 10.96
N PHE B 173 -6.19 0.89 11.57
CA PHE B 173 -6.50 -0.52 11.29
C PHE B 173 -7.39 -0.77 10.09
N GLU B 174 -8.49 -0.02 9.97
CA GLU B 174 -9.35 -0.18 8.79
C GLU B 174 -8.64 0.31 7.53
N GLY B 175 -7.79 1.33 7.68
CA GLY B 175 -7.07 1.87 6.54
C GLY B 175 -5.81 1.13 6.12
N HIS B 176 -5.13 0.50 7.07
CA HIS B 176 -3.79 -0.06 6.79
C HIS B 176 -3.62 -1.53 7.21
N ALA B 177 -4.52 -2.04 8.04
CA ALA B 177 -4.43 -3.45 8.43
C ALA B 177 -5.41 -4.32 7.66
N PHE B 178 -6.65 -3.83 7.49
CA PHE B 178 -7.68 -4.62 6.81
C PHE B 178 -8.06 -4.07 5.44
N GLY B 179 -7.54 -2.90 5.09
CA GLY B 179 -7.73 -2.34 3.77
C GLY B 179 -9.17 -2.07 3.35
N ASN B 180 -10.06 -1.89 4.32
CA ASN B 180 -11.45 -1.52 4.05
C ASN B 180 -11.61 -0.02 3.76
N HIS B 181 -10.70 0.77 4.30
CA HIS B 181 -10.69 2.22 4.09
C HIS B 181 -9.41 2.63 3.40
N ALA B 182 -9.40 3.82 2.81
CA ALA B 182 -8.20 4.37 2.22
C ALA B 182 -7.06 4.44 3.27
N PRO B 183 -5.80 4.27 2.84
CA PRO B 183 -5.32 4.01 1.47
C PRO B 183 -5.51 2.56 1.04
N GLY B 184 -6.07 1.72 1.91
CA GLY B 184 -6.43 0.36 1.53
C GLY B 184 -5.35 -0.70 1.69
N THR B 185 -4.33 -0.40 2.50
CA THR B 185 -3.23 -1.34 2.77
C THR B 185 -3.71 -2.48 3.67
N LYS B 186 -3.06 -3.64 3.59
CA LYS B 186 -3.44 -4.80 4.40
C LYS B 186 -2.24 -5.42 5.11
N ASP B 187 -1.74 -4.73 6.14
CA ASP B 187 -0.49 -5.09 6.82
C ASP B 187 -0.55 -4.61 8.27
N PHE B 188 -0.75 -5.56 9.20
CA PHE B 188 -0.93 -5.21 10.60
C PHE B 188 0.26 -4.42 11.20
N LYS B 189 1.50 -4.75 10.80
CA LYS B 189 2.67 -4.00 11.28
C LYS B 189 2.61 -2.53 10.85
N THR B 190 2.19 -2.31 9.60
CA THR B 190 2.00 -0.95 9.08
C THR B 190 0.98 -0.22 9.94
N ALA B 191 -0.12 -0.91 10.28
CA ALA B 191 -1.12 -0.32 11.16
C ALA B 191 -0.52 0.19 12.46
N LEU B 192 0.31 -0.61 13.12
CA LEU B 192 0.93 -0.17 14.37
C LEU B 192 1.81 1.07 14.21
N GLN B 193 2.61 1.10 13.14
CA GLN B 193 3.46 2.25 12.89
C GLN B 193 2.61 3.51 12.64
N VAL B 194 1.57 3.35 11.82
CA VAL B 194 0.61 4.43 11.58
C VAL B 194 0.00 4.98 12.89
N ALA B 195 -0.51 4.09 13.73
CA ALA B 195 -1.12 4.48 14.99
C ALA B 195 -0.17 5.33 15.83
N HIS B 196 1.09 4.90 15.89
CA HIS B 196 2.07 5.65 16.64
C HIS B 196 2.26 7.03 16.06
N HIS B 197 2.30 7.13 14.73
CA HIS B 197 2.51 8.45 14.13
C HIS B 197 1.29 9.36 14.20
N LEU B 198 0.09 8.78 14.20
CA LEU B 198 -1.11 9.59 14.39
C LEU B 198 -1.07 10.22 15.78
N LEU B 199 -0.74 9.38 16.78
CA LEU B 199 -0.66 9.85 18.16
C LEU B 199 0.40 10.94 18.34
N LEU B 200 1.56 10.73 17.71
CA LEU B 200 2.65 11.72 17.71
C LEU B 200 2.20 13.07 17.11
N SER B 201 1.56 13.03 15.93
CA SER B 201 1.13 14.25 15.26
C SER B 201 0.09 15.02 16.10
N HIS B 202 -0.76 14.29 16.83
CA HIS B 202 -1.67 14.88 17.78
C HIS B 202 -0.93 15.72 18.81
N GLY B 203 0.03 15.09 19.48
CA GLY B 203 0.80 15.76 20.51
C GLY B 203 1.54 16.94 19.94
N MET B 204 2.09 16.78 18.74
CA MET B 204 2.78 17.88 18.10
C MET B 204 1.84 19.05 17.83
N ALA B 205 0.62 18.77 17.38
CA ALA B 205 -0.36 19.82 17.14
C ALA B 205 -0.72 20.57 18.44
N VAL B 206 -0.89 19.82 19.53
CA VAL B 206 -1.16 20.38 20.83
C VAL B 206 -0.09 21.39 21.27
N ASP B 207 1.19 21.04 21.11
CA ASP B 207 2.27 21.96 21.44
C ASP B 207 2.12 23.26 20.67
N ILE B 208 1.75 23.16 19.40
CA ILE B 208 1.63 24.35 18.55
C ILE B 208 0.42 25.20 18.94
N PHE B 209 -0.68 24.54 19.29
CA PHE B 209 -1.85 25.22 19.84
C PHE B 209 -1.49 26.10 21.06
N ARG B 210 -0.69 25.56 21.97
CA ARG B 210 -0.30 26.33 23.17
C ARG B 210 0.60 27.51 22.82
N GLU B 211 1.56 27.28 21.93
CA GLU B 211 2.48 28.32 21.49
C GLU B 211 1.77 29.50 20.80
N GLU B 212 0.84 29.19 19.91
CA GLU B 212 0.15 30.26 19.17
C GLU B 212 -0.80 31.03 20.08
N ASP B 213 -1.10 30.43 21.24
CA ASP B 213 -1.87 31.08 22.30
C ASP B 213 -3.27 31.52 21.87
N LEU B 214 -3.95 30.68 21.09
CA LEU B 214 -5.35 30.89 20.77
C LEU B 214 -6.16 30.74 22.04
N PRO B 215 -7.26 31.49 22.14
CA PRO B 215 -8.26 31.17 23.16
C PRO B 215 -9.01 29.93 22.71
N GLY B 216 -9.51 29.13 23.64
CA GLY B 216 -10.29 27.97 23.26
C GLY B 216 -9.70 26.68 23.79
N GLU B 217 -10.25 25.57 23.35
CA GLU B 217 -9.88 24.27 23.88
C GLU B 217 -9.51 23.30 22.76
N ILE B 218 -8.62 22.37 23.08
CA ILE B 218 -8.18 21.37 22.13
C ILE B 218 -8.27 19.99 22.77
N GLY B 219 -8.73 19.02 21.96
CA GLY B 219 -8.81 17.63 22.39
C GLY B 219 -8.57 16.66 21.25
N ILE B 220 -8.93 15.40 21.46
CA ILE B 220 -8.84 14.38 20.43
C ILE B 220 -10.14 13.59 20.48
N THR B 221 -10.51 12.98 19.35
CA THR B 221 -11.72 12.17 19.32
C THR B 221 -11.35 10.71 19.11
N LEU B 222 -11.79 9.84 20.03
CA LEU B 222 -11.52 8.42 19.92
C LEU B 222 -12.80 7.61 19.78
N ASN B 223 -12.79 6.60 18.90
CA ASN B 223 -13.87 5.66 18.89
C ASN B 223 -13.61 4.69 20.03
N LEU B 224 -14.62 4.48 20.88
CA LEU B 224 -14.51 3.50 21.96
C LEU B 224 -15.64 2.47 21.88
N THR B 225 -15.28 1.19 21.91
CA THR B 225 -16.24 0.10 21.93
C THR B 225 -15.93 -0.79 23.13
N PRO B 226 -16.75 -0.71 24.18
CA PRO B 226 -16.60 -1.55 25.37
C PRO B 226 -16.84 -3.03 25.06
N ALA B 227 -15.97 -3.89 25.58
CA ALA B 227 -16.09 -5.33 25.39
C ALA B 227 -16.71 -5.99 26.62
N TYR B 228 -17.53 -7.00 26.39
CA TYR B 228 -18.19 -7.75 27.45
C TYR B 228 -17.97 -9.24 27.19
N PRO B 229 -17.62 -10.01 28.23
CA PRO B 229 -17.45 -11.46 28.05
C PRO B 229 -18.77 -12.14 27.75
N ALA B 230 -18.74 -13.14 26.88
CA ALA B 230 -19.96 -13.84 26.47
C ALA B 230 -20.45 -14.78 27.56
N GLY B 231 -19.50 -15.38 28.28
CA GLY B 231 -19.81 -16.29 29.37
C GLY B 231 -19.00 -15.95 30.60
N ASP B 232 -19.12 -16.78 31.64
CA ASP B 232 -18.46 -16.49 32.91
C ASP B 232 -17.03 -17.03 32.99
N SER B 233 -16.69 -17.95 32.10
CA SER B 233 -15.35 -18.55 32.08
C SER B 233 -14.26 -17.48 32.05
N GLU B 234 -13.25 -17.67 32.89
CA GLU B 234 -12.14 -16.72 33.01
C GLU B 234 -11.45 -16.42 31.68
N LYS B 235 -11.49 -17.39 30.77
CA LYS B 235 -10.94 -17.23 29.43
C LYS B 235 -11.69 -16.15 28.66
N ASP B 236 -13.01 -16.12 28.84
CA ASP B 236 -13.84 -15.12 28.19
C ASP B 236 -13.50 -13.73 28.70
N VAL B 237 -13.32 -13.60 30.00
CA VAL B 237 -12.94 -12.32 30.59
C VAL B 237 -11.57 -11.84 30.07
N LYS B 238 -10.65 -12.77 29.88
CA LYS B 238 -9.33 -12.39 29.40
C LYS B 238 -9.39 -11.95 27.95
N ALA B 239 -10.19 -12.66 27.16
CA ALA B 239 -10.28 -12.41 25.74
C ALA B 239 -11.00 -11.10 25.45
N ALA B 240 -11.95 -10.75 26.31
CA ALA B 240 -12.70 -9.52 26.17
C ALA B 240 -11.79 -8.36 26.54
N SER B 241 -11.03 -8.55 27.61
CA SER B 241 -10.06 -7.55 28.04
C SER B 241 -9.04 -7.23 26.94
N LEU B 242 -8.64 -8.23 26.17
CA LEU B 242 -7.64 -8.02 25.11
C LEU B 242 -8.22 -7.22 23.95
N LEU B 243 -9.43 -7.57 23.53
CA LEU B 243 -10.09 -6.84 22.45
C LEU B 243 -10.43 -5.42 22.89
N ASP B 244 -10.61 -5.21 24.19
CA ASP B 244 -10.89 -3.89 24.71
C ASP B 244 -9.67 -2.98 24.57
N ASP B 245 -8.51 -3.51 24.95
CA ASP B 245 -7.26 -2.76 24.88
C ASP B 245 -6.80 -2.51 23.45
N TYR B 246 -7.19 -3.42 22.56
CA TYR B 246 -6.84 -3.38 21.13
C TYR B 246 -7.49 -2.17 20.46
N ILE B 247 -8.67 -1.84 20.93
CA ILE B 247 -9.42 -0.71 20.40
C ILE B 247 -9.34 0.54 21.28
N ASN B 248 -9.53 0.36 22.58
CA ASN B 248 -9.66 1.49 23.49
C ASN B 248 -8.35 1.93 24.17
N ALA B 249 -7.81 1.07 25.03
CA ALA B 249 -6.58 1.39 25.78
C ALA B 249 -5.37 1.69 24.89
N TRP B 250 -5.33 1.14 23.69
CA TRP B 250 -4.22 1.36 22.78
C TRP B 250 -4.06 2.84 22.42
N PHE B 251 -5.15 3.60 22.47
CA PHE B 251 -5.09 5.06 22.30
C PHE B 251 -5.31 5.84 23.60
N LEU B 252 -6.12 5.29 24.49
CA LEU B 252 -6.42 5.98 25.75
C LEU B 252 -5.16 6.09 26.63
N SER B 253 -4.43 5.00 26.77
CA SER B 253 -3.28 4.98 27.65
C SER B 253 -2.12 5.87 27.18
N PRO B 254 -1.74 5.80 25.88
CA PRO B 254 -0.69 6.74 25.47
C PRO B 254 -1.05 8.21 25.71
N VAL B 255 -2.31 8.57 25.51
CA VAL B 255 -2.72 9.96 25.60
C VAL B 255 -2.80 10.40 27.06
N PHE B 256 -3.42 9.58 27.90
CA PHE B 256 -3.66 9.96 29.29
C PHE B 256 -2.69 9.40 30.32
N LYS B 257 -1.96 8.34 29.98
CA LYS B 257 -1.00 7.77 30.92
C LYS B 257 0.42 7.79 30.38
N GLY B 258 0.56 8.10 29.10
CA GLY B 258 1.88 8.15 28.49
C GLY B 258 2.55 6.80 28.26
N SER B 259 1.74 5.76 28.09
CA SER B 259 2.27 4.45 27.74
C SER B 259 1.26 3.57 27.01
N TYR B 260 1.75 2.69 26.15
CA TYR B 260 0.89 1.68 25.51
C TYR B 260 0.50 0.68 26.58
N PRO B 261 -0.66 0.02 26.44
CA PRO B 261 -0.98 -1.02 27.42
C PRO B 261 0.03 -2.16 27.35
N GLU B 262 0.52 -2.59 28.51
CA GLU B 262 1.70 -3.46 28.59
C GLU B 262 1.54 -4.86 27.98
N GLU B 263 0.51 -5.59 28.37
CA GLU B 263 0.33 -6.94 27.87
C GLU B 263 0.20 -6.98 26.34
N LEU B 264 -0.67 -6.13 25.81
CA LEU B 264 -0.92 -6.09 24.38
C LEU B 264 0.31 -5.64 23.61
N HIS B 265 1.00 -4.64 24.15
CA HIS B 265 2.24 -4.16 23.53
C HIS B 265 3.22 -5.32 23.39
N HIS B 266 3.28 -6.15 24.43
CA HIS B 266 4.18 -7.29 24.47
C HIS B 266 3.80 -8.38 23.45
N ILE B 267 2.51 -8.66 23.35
CA ILE B 267 2.01 -9.66 22.41
C ILE B 267 2.34 -9.27 20.97
N TYR B 268 2.06 -8.01 20.63
CA TYR B 268 2.42 -7.45 19.32
C TYR B 268 3.91 -7.61 19.03
N GLU B 269 4.75 -7.21 19.98
CA GLU B 269 6.19 -7.24 19.77
C GLU B 269 6.72 -8.66 19.60
N GLN B 270 6.13 -9.61 20.33
CA GLN B 270 6.51 -11.02 20.23
C GLN B 270 6.29 -11.55 18.81
N ASN B 271 5.10 -11.29 18.27
CA ASN B 271 4.66 -11.89 17.03
C ASN B 271 5.00 -11.08 15.77
N LEU B 272 5.26 -9.79 15.92
CA LEU B 272 5.37 -8.91 14.76
C LEU B 272 6.69 -8.15 14.68
N GLY B 273 7.37 -8.00 15.82
CA GLY B 273 8.54 -7.16 15.87
C GLY B 273 8.11 -5.81 16.40
N ALA B 274 9.06 -4.95 16.73
CA ALA B 274 8.71 -3.65 17.27
C ALA B 274 8.50 -2.65 16.14
N PHE B 275 7.55 -1.74 16.33
CA PHE B 275 7.44 -0.61 15.40
C PHE B 275 8.43 0.44 15.86
N THR B 276 8.77 1.37 14.96
CA THR B 276 9.82 2.35 15.21
C THR B 276 9.35 3.55 16.03
N THR B 277 10.00 3.80 17.17
CA THR B 277 9.74 4.98 17.99
C THR B 277 11.05 5.71 18.29
N GLN B 278 10.92 6.90 18.88
CA GLN B 278 12.07 7.70 19.32
C GLN B 278 11.83 8.12 20.76
N PRO B 279 12.93 8.33 21.53
CA PRO B 279 12.78 8.72 22.93
C PRO B 279 12.11 10.08 23.06
N GLY B 280 11.13 10.19 23.94
CA GLY B 280 10.41 11.44 24.10
C GLY B 280 9.08 11.48 23.35
N ASP B 281 8.87 10.50 22.48
CA ASP B 281 7.61 10.40 21.73
C ASP B 281 6.41 10.34 22.68
N MET B 282 6.51 9.52 23.72
CA MET B 282 5.43 9.36 24.69
C MET B 282 5.14 10.63 25.47
N ASP B 283 6.17 11.46 25.69
CA ASP B 283 5.96 12.75 26.32
C ASP B 283 5.13 13.63 25.40
N ILE B 284 5.48 13.59 24.12
CA ILE B 284 4.77 14.41 23.14
C ILE B 284 3.31 13.95 23.02
N ILE B 285 3.12 12.64 22.91
CA ILE B 285 1.78 12.06 22.73
C ILE B 285 0.85 12.37 23.91
N SER B 286 1.44 12.50 25.10
CA SER B 286 0.62 12.68 26.28
C SER B 286 0.60 14.11 26.84
N ARG B 287 0.84 15.10 25.98
CA ARG B 287 0.67 16.49 26.41
C ARG B 287 -0.73 16.66 26.94
N ASP B 288 -0.85 17.50 27.97
CA ASP B 288 -2.13 17.80 28.59
C ASP B 288 -3.09 18.38 27.56
N ILE B 289 -4.32 17.86 27.52
CA ILE B 289 -5.32 18.38 26.60
C ILE B 289 -6.54 18.88 27.37
N ASP B 290 -7.48 19.54 26.70
CA ASP B 290 -8.55 20.21 27.43
C ASP B 290 -9.83 19.39 27.55
N PHE B 291 -10.08 18.52 26.58
CA PHE B 291 -11.24 17.67 26.65
C PHE B 291 -10.98 16.38 25.88
N LEU B 292 -11.83 15.39 26.09
CA LEU B 292 -11.80 14.18 25.27
C LEU B 292 -13.11 13.99 24.52
N GLY B 293 -13.01 13.73 23.22
CA GLY B 293 -14.17 13.44 22.41
C GLY B 293 -14.34 11.94 22.25
N ILE B 294 -15.56 11.46 22.48
CA ILE B 294 -15.83 10.05 22.41
C ILE B 294 -16.86 9.78 21.32
N ASN B 295 -16.51 8.86 20.44
CA ASN B 295 -17.44 8.40 19.44
C ASN B 295 -17.96 7.04 19.91
N TYR B 296 -19.27 6.90 20.06
CA TYR B 296 -19.84 5.63 20.51
C TYR B 296 -21.02 5.20 19.66
N TYR B 297 -21.04 3.93 19.28
CA TYR B 297 -22.18 3.39 18.55
C TYR B 297 -22.69 2.08 19.14
N SER B 298 -21.77 1.22 19.60
CA SER B 298 -22.16 -0.11 20.03
C SER B 298 -21.13 -0.71 20.99
N ARG B 299 -21.36 -1.95 21.38
CA ARG B 299 -20.42 -2.68 22.21
C ARG B 299 -19.96 -3.90 21.42
N MET B 300 -19.10 -4.71 22.01
CA MET B 300 -18.84 -6.02 21.44
C MET B 300 -18.86 -7.07 22.53
N VAL B 301 -19.40 -8.24 22.20
CA VAL B 301 -19.44 -9.37 23.13
C VAL B 301 -18.39 -10.39 22.70
N VAL B 302 -17.54 -10.80 23.65
CA VAL B 302 -16.33 -11.56 23.33
C VAL B 302 -16.18 -12.87 24.11
N ARG B 303 -15.82 -13.94 23.41
CA ARG B 303 -15.53 -15.23 24.05
C ARG B 303 -14.22 -15.80 23.55
N HIS B 304 -13.81 -16.89 24.17
CA HIS B 304 -12.55 -17.56 23.84
C HIS B 304 -12.61 -18.32 22.52
N LYS B 305 -11.48 -18.32 21.82
CA LYS B 305 -11.37 -19.02 20.53
C LYS B 305 -9.91 -19.16 20.15
N PRO B 306 -9.32 -20.33 20.44
CA PRO B 306 -7.90 -20.61 20.23
C PRO B 306 -7.51 -20.63 18.76
N GLY B 307 -6.33 -20.09 18.47
CA GLY B 307 -5.70 -20.24 17.17
C GLY B 307 -6.37 -19.54 16.01
N ASP B 308 -6.97 -18.39 16.28
CA ASP B 308 -7.50 -17.57 15.20
C ASP B 308 -6.67 -16.29 15.07
N ASN B 309 -6.50 -15.59 16.18
CA ASN B 309 -5.69 -14.37 16.20
C ASN B 309 -4.86 -14.29 17.47
N LEU B 310 -3.99 -13.28 17.55
CA LEU B 310 -3.12 -13.08 18.70
C LEU B 310 -3.89 -12.90 19.99
N PHE B 311 -5.14 -12.49 19.89
CA PHE B 311 -5.93 -12.21 21.07
C PHE B 311 -6.63 -13.46 21.58
N ASN B 312 -6.70 -14.49 20.72
CA ASN B 312 -7.44 -15.71 21.02
C ASN B 312 -8.88 -15.40 21.40
N ALA B 313 -9.50 -14.54 20.62
CA ALA B 313 -10.83 -14.03 20.93
C ALA B 313 -11.66 -13.92 19.66
N GLU B 314 -12.96 -14.11 19.79
CA GLU B 314 -13.88 -13.81 18.70
C GLU B 314 -15.08 -13.04 19.21
N VAL B 315 -15.58 -12.13 18.38
CA VAL B 315 -16.76 -11.35 18.69
C VAL B 315 -17.98 -12.22 18.45
N VAL B 316 -18.96 -12.13 19.34
CA VAL B 316 -20.19 -12.90 19.21
C VAL B 316 -21.33 -12.04 18.67
N LYS B 317 -22.03 -12.51 17.64
CA LYS B 317 -23.17 -11.78 17.10
C LYS B 317 -24.41 -11.97 17.97
N MET B 318 -24.95 -10.87 18.49
CA MET B 318 -26.16 -10.92 19.30
C MET B 318 -27.41 -10.88 18.43
N GLU B 319 -27.74 -12.03 17.84
CA GLU B 319 -28.86 -12.14 16.92
C GLU B 319 -30.21 -11.98 17.62
N ASP B 320 -30.21 -12.17 18.93
CA ASP B 320 -31.42 -12.05 19.73
C ASP B 320 -31.74 -10.60 20.08
N ARG B 321 -30.91 -9.67 19.59
CA ARG B 321 -31.03 -8.27 20.00
C ARG B 321 -31.25 -7.31 18.83
N PRO B 322 -31.99 -6.21 19.08
CA PRO B 322 -32.21 -5.17 18.06
C PRO B 322 -30.91 -4.62 17.50
N SER B 323 -30.93 -4.34 16.20
CA SER B 323 -29.74 -3.82 15.54
C SER B 323 -30.10 -2.82 14.44
N THR B 324 -29.11 -2.04 14.02
CA THR B 324 -29.34 -1.01 13.02
C THR B 324 -29.15 -1.59 11.64
N GLU B 325 -29.31 -0.73 10.63
CA GLU B 325 -29.05 -1.12 9.25
C GLU B 325 -27.58 -1.46 9.05
N MET B 326 -26.71 -0.99 9.94
CA MET B 326 -25.31 -1.39 9.89
C MET B 326 -25.11 -2.79 10.46
N GLY B 327 -26.16 -3.34 11.07
CA GLY B 327 -26.03 -4.63 11.73
C GLY B 327 -25.48 -4.52 13.14
N TRP B 328 -25.24 -3.29 13.59
CA TRP B 328 -24.67 -3.06 14.92
C TRP B 328 -25.73 -3.21 16.03
N GLU B 329 -25.37 -3.88 17.12
CA GLU B 329 -26.30 -4.04 18.24
C GLU B 329 -26.65 -2.69 18.88
N ILE B 330 -27.92 -2.52 19.23
CA ILE B 330 -28.36 -1.33 19.96
C ILE B 330 -28.19 -1.56 21.47
N TYR B 331 -27.24 -0.87 22.07
CA TYR B 331 -26.88 -1.11 23.47
C TYR B 331 -26.57 0.21 24.18
N PRO B 332 -27.60 0.96 24.57
CA PRO B 332 -27.45 2.28 25.21
C PRO B 332 -26.60 2.24 26.49
N GLN B 333 -26.68 1.14 27.24
CA GLN B 333 -25.93 1.02 28.50
C GLN B 333 -24.44 1.18 28.30
N GLY B 334 -23.96 0.72 27.14
CA GLY B 334 -22.55 0.78 26.80
C GLY B 334 -22.00 2.20 26.88
N LEU B 335 -22.83 3.16 26.50
CA LEU B 335 -22.48 4.59 26.56
C LEU B 335 -22.26 5.05 28.00
N TYR B 336 -23.14 4.64 28.91
CA TYR B 336 -22.96 4.93 30.33
C TYR B 336 -21.66 4.31 30.81
N ASP B 337 -21.46 3.03 30.47
CA ASP B 337 -20.29 2.30 30.96
C ASP B 337 -19.00 2.97 30.50
N ILE B 338 -18.94 3.32 29.22
CA ILE B 338 -17.69 3.84 28.69
C ILE B 338 -17.38 5.21 29.29
N LEU B 339 -18.42 6.01 29.51
CA LEU B 339 -18.25 7.33 30.12
C LEU B 339 -17.72 7.21 31.55
N VAL B 340 -18.35 6.33 32.33
CA VAL B 340 -17.89 6.12 33.71
C VAL B 340 -16.46 5.60 33.74
N ARG B 341 -16.17 4.62 32.90
CA ARG B 341 -14.83 4.03 32.84
C ARG B 341 -13.74 5.03 32.45
N VAL B 342 -14.01 5.87 31.46
CA VAL B 342 -13.04 6.89 31.06
C VAL B 342 -12.76 7.85 32.23
N ASN B 343 -13.82 8.34 32.87
CA ASN B 343 -13.68 9.22 34.03
C ASN B 343 -12.98 8.55 35.23
N LYS B 344 -13.18 7.26 35.43
CA LYS B 344 -12.58 6.55 36.56
C LYS B 344 -11.10 6.24 36.35
N GLU B 345 -10.76 5.73 35.18
CA GLU B 345 -9.45 5.12 34.96
C GLU B 345 -8.42 5.97 34.20
N TYR B 346 -8.89 6.92 33.39
CA TYR B 346 -7.99 7.66 32.50
C TYR B 346 -7.87 9.16 32.68
N THR B 347 -8.98 9.85 32.90
CA THR B 347 -8.92 11.31 32.97
C THR B 347 -10.12 11.92 33.66
N ASP B 348 -9.91 13.09 34.27
CA ASP B 348 -10.98 13.82 34.92
C ASP B 348 -11.43 14.99 34.05
N LYS B 349 -10.76 15.16 32.91
CA LYS B 349 -11.06 16.23 31.97
C LYS B 349 -12.52 16.18 31.51
N PRO B 350 -13.05 17.34 31.05
CA PRO B 350 -14.39 17.38 30.43
C PRO B 350 -14.52 16.40 29.27
N LEU B 351 -15.66 15.73 29.17
CA LEU B 351 -15.95 14.83 28.06
C LEU B 351 -17.02 15.39 27.14
N TYR B 352 -16.87 15.12 25.85
CA TYR B 352 -17.94 15.38 24.90
C TYR B 352 -18.23 14.09 24.19
N ILE B 353 -19.50 13.83 23.92
CA ILE B 353 -19.84 12.81 22.95
C ILE B 353 -19.82 13.46 21.58
N THR B 354 -18.74 13.22 20.84
CA THR B 354 -18.58 13.87 19.54
C THR B 354 -19.29 13.16 18.36
N GLU B 355 -19.69 11.90 18.56
CA GLU B 355 -20.51 11.19 17.58
C GLU B 355 -21.31 10.09 18.25
N ASN B 356 -22.60 10.10 18.00
CA ASN B 356 -23.46 8.97 18.30
C ASN B 356 -24.65 9.07 17.35
N GLY B 357 -25.12 7.94 16.83
CA GLY B 357 -26.21 7.98 15.87
C GLY B 357 -26.53 6.61 15.33
N ALA B 358 -27.40 6.56 14.31
CA ALA B 358 -27.85 5.26 13.81
C ALA B 358 -28.37 5.30 12.38
N ALA B 359 -28.08 4.25 11.63
CA ALA B 359 -28.60 4.11 10.27
C ALA B 359 -29.83 3.21 10.27
N PHE B 360 -30.94 3.73 9.73
CA PHE B 360 -32.16 2.94 9.51
C PHE B 360 -32.65 3.18 8.08
N ASP B 361 -33.38 2.21 7.53
CA ASP B 361 -33.93 2.32 6.19
C ASP B 361 -34.99 3.42 6.10
N ASP B 362 -34.58 4.65 5.76
CA ASP B 362 -35.49 5.78 5.69
C ASP B 362 -36.30 5.81 4.40
N LYS B 363 -37.60 6.08 4.51
CA LYS B 363 -38.42 6.28 3.33
C LYS B 363 -39.01 7.69 3.29
N LEU B 364 -38.73 8.39 2.19
CA LEU B 364 -39.28 9.72 1.98
C LEU B 364 -40.70 9.59 1.43
N THR B 365 -41.69 10.08 2.19
CA THR B 365 -43.07 10.07 1.73
C THR B 365 -43.30 11.10 0.61
N GLU B 366 -44.41 10.96 -0.12
CA GLU B 366 -44.67 11.90 -1.22
C GLU B 366 -44.93 13.31 -0.68
N GLU B 367 -45.27 13.40 0.59
CA GLU B 367 -45.48 14.69 1.24
C GLU B 367 -44.17 15.31 1.72
N GLY B 368 -43.07 14.61 1.53
CA GLY B 368 -41.77 15.11 1.95
C GLY B 368 -41.51 14.93 3.44
N LYS B 369 -42.00 13.81 3.98
CA LYS B 369 -41.82 13.48 5.38
C LYS B 369 -40.97 12.22 5.50
N ILE B 370 -40.25 12.09 6.63
CA ILE B 370 -39.55 10.85 6.95
C ILE B 370 -39.89 10.48 8.39
N HIS B 371 -40.62 9.40 8.57
CA HIS B 371 -41.06 9.02 9.90
C HIS B 371 -40.09 8.04 10.53
N ASP B 372 -38.92 8.54 10.94
CA ASP B 372 -37.88 7.67 11.45
C ASP B 372 -38.01 7.46 12.96
N GLU B 373 -39.11 6.84 13.36
CA GLU B 373 -39.36 6.59 14.79
C GLU B 373 -38.24 5.80 15.45
N LYS B 374 -37.63 4.91 14.68
CA LYS B 374 -36.59 4.07 15.25
C LYS B 374 -35.33 4.88 15.59
N ARG B 375 -35.00 5.87 14.77
CA ARG B 375 -33.86 6.75 15.05
C ARG B 375 -34.19 7.59 16.29
N ILE B 376 -35.41 8.10 16.35
CA ILE B 376 -35.86 8.83 17.55
C ILE B 376 -35.73 7.97 18.82
N ASN B 377 -36.13 6.72 18.77
CA ASN B 377 -35.98 5.84 19.93
C ASN B 377 -34.52 5.58 20.29
N TYR B 378 -33.69 5.35 19.29
CA TYR B 378 -32.26 5.17 19.51
C TYR B 378 -31.65 6.38 20.23
N LEU B 379 -31.83 7.56 19.65
CA LEU B 379 -31.25 8.78 20.24
C LEU B 379 -31.72 9.01 21.67
N GLY B 380 -33.03 8.92 21.89
CA GLY B 380 -33.60 9.10 23.23
C GLY B 380 -32.96 8.19 24.27
N ASP B 381 -32.87 6.90 23.97
CA ASP B 381 -32.31 5.93 24.91
C ASP B 381 -30.87 6.27 25.20
N HIS B 382 -30.13 6.67 24.18
CA HIS B 382 -28.72 7.03 24.39
C HIS B 382 -28.57 8.37 25.15
N PHE B 383 -29.45 9.34 24.86
CA PHE B 383 -29.47 10.59 25.64
C PHE B 383 -29.73 10.30 27.12
N LYS B 384 -30.63 9.35 27.39
CA LYS B 384 -30.99 9.00 28.77
C LYS B 384 -29.79 8.42 29.52
N GLN B 385 -28.99 7.62 28.83
CA GLN B 385 -27.81 7.03 29.44
C GLN B 385 -26.71 8.06 29.63
N ALA B 386 -26.64 9.04 28.72
CA ALA B 386 -25.71 10.16 28.88
C ALA B 386 -26.07 11.01 30.10
N TYR B 387 -27.37 11.19 30.31
CA TYR B 387 -27.88 11.96 31.44
C TYR B 387 -27.52 11.27 32.76
N LYS B 388 -27.75 9.96 32.78
CA LYS B 388 -27.41 9.12 33.92
C LYS B 388 -25.93 9.27 34.29
N ALA B 389 -25.08 9.36 33.27
CA ALA B 389 -23.64 9.47 33.49
C ALA B 389 -23.33 10.82 34.11
N LEU B 390 -23.95 11.86 33.57
CA LEU B 390 -23.77 13.22 34.04
C LEU B 390 -24.25 13.38 35.48
N LYS B 391 -25.37 12.73 35.80
CA LYS B 391 -25.92 12.78 37.14
C LYS B 391 -25.07 12.02 38.16
N ASP B 392 -24.33 11.01 37.68
CA ASP B 392 -23.42 10.28 38.55
C ASP B 392 -22.04 10.92 38.59
N GLY B 393 -21.93 12.18 38.16
CA GLY B 393 -20.71 12.93 38.33
C GLY B 393 -19.71 12.94 37.18
N VAL B 394 -20.09 12.40 36.04
CA VAL B 394 -19.23 12.48 34.84
C VAL B 394 -19.39 13.86 34.21
N PRO B 395 -18.27 14.58 34.01
CA PRO B 395 -18.31 15.94 33.47
C PRO B 395 -18.58 15.98 31.95
N LEU B 396 -19.73 15.45 31.54
CA LEU B 396 -20.18 15.49 30.16
C LEU B 396 -20.68 16.88 29.78
N ARG B 397 -20.03 17.52 28.81
CA ARG B 397 -20.34 18.92 28.47
C ARG B 397 -21.21 19.08 27.23
N GLY B 398 -21.22 18.08 26.35
CA GLY B 398 -21.99 18.18 25.13
C GLY B 398 -22.20 16.83 24.47
N TYR B 399 -22.98 16.85 23.40
CA TYR B 399 -23.37 15.64 22.69
C TYR B 399 -23.65 15.99 21.23
N TYR B 400 -22.85 15.45 20.32
CA TYR B 400 -23.06 15.70 18.90
C TYR B 400 -23.67 14.48 18.22
N VAL B 401 -24.83 14.67 17.60
CA VAL B 401 -25.47 13.60 16.85
C VAL B 401 -24.79 13.40 15.50
N TRP B 402 -24.46 12.15 15.19
CA TRP B 402 -24.04 11.81 13.85
C TRP B 402 -25.27 11.29 13.13
N SER B 403 -25.74 11.97 12.06
CA SER B 403 -25.11 13.12 11.44
C SER B 403 -26.13 14.25 11.23
N LEU B 404 -25.66 15.47 11.00
CA LEU B 404 -26.56 16.55 10.57
C LEU B 404 -27.42 16.09 9.39
N MET B 405 -26.78 15.46 8.40
CA MET B 405 -27.47 15.04 7.19
C MET B 405 -26.93 13.68 6.68
N ASP B 406 -27.74 12.96 5.92
CA ASP B 406 -27.29 11.74 5.23
C ASP B 406 -26.07 12.03 4.41
N ASN B 407 -25.14 11.07 4.35
CA ASN B 407 -23.90 11.34 3.64
C ASN B 407 -23.23 10.06 3.11
N PHE B 408 -22.01 10.18 2.59
CA PHE B 408 -21.23 9.07 2.03
C PHE B 408 -20.69 8.24 3.19
N GLU B 409 -21.27 7.06 3.44
CA GLU B 409 -20.85 6.23 4.58
C GLU B 409 -19.71 5.30 4.18
N TRP B 410 -18.60 5.92 3.77
CA TRP B 410 -17.36 5.22 3.47
C TRP B 410 -17.54 4.03 2.53
N ALA B 411 -17.15 2.84 2.98
CA ALA B 411 -17.18 1.65 2.12
C ALA B 411 -18.61 1.25 1.74
N TYR B 412 -19.59 1.69 2.53
CA TYR B 412 -20.98 1.45 2.20
C TYR B 412 -21.58 2.47 1.21
N GLY B 413 -20.85 3.53 0.91
CA GLY B 413 -21.38 4.55 0.00
C GLY B 413 -22.64 5.22 0.54
N TYR B 414 -23.59 5.52 -0.34
CA TYR B 414 -24.80 6.23 0.09
C TYR B 414 -25.90 5.33 0.62
N SER B 415 -25.66 4.02 0.62
CA SER B 415 -26.68 3.05 1.03
C SER B 415 -27.06 3.19 2.50
N LYS B 416 -26.20 3.82 3.29
CA LYS B 416 -26.48 3.96 4.73
C LYS B 416 -26.75 5.41 5.13
N ARG B 417 -27.97 5.66 5.61
CA ARG B 417 -28.41 6.99 6.00
C ARG B 417 -28.39 7.20 7.52
N PHE B 418 -27.51 8.08 8.00
CA PHE B 418 -27.42 8.43 9.43
C PHE B 418 -27.99 9.82 9.78
N GLY B 419 -28.50 10.58 8.80
CA GLY B 419 -28.84 11.97 9.06
C GLY B 419 -30.04 12.30 9.92
N LEU B 420 -30.00 13.49 10.53
CA LEU B 420 -31.23 14.15 11.01
C LEU B 420 -31.97 14.72 9.80
N ILE B 421 -31.23 14.94 8.72
CA ILE B 421 -31.79 15.49 7.49
C ILE B 421 -31.64 14.48 6.35
N TYR B 422 -32.76 14.20 5.68
CA TYR B 422 -32.75 13.34 4.49
C TYR B 422 -32.21 14.06 3.26
N VAL B 423 -31.22 13.46 2.60
CA VAL B 423 -30.69 14.06 1.38
C VAL B 423 -31.12 13.25 0.16
N ASP B 424 -31.88 13.90 -0.71
CA ASP B 424 -32.43 13.24 -1.88
C ASP B 424 -31.48 13.52 -3.05
N TYR B 425 -30.38 12.76 -3.10
CA TYR B 425 -29.24 13.05 -3.97
C TYR B 425 -29.62 13.24 -5.43
N GLU B 426 -30.54 12.41 -5.90
CA GLU B 426 -30.83 12.33 -7.33
C GLU B 426 -31.83 13.37 -7.83
N ASN B 427 -32.40 14.14 -6.90
CA ASN B 427 -33.36 15.18 -7.20
C ASN B 427 -32.86 16.54 -6.71
N GLY B 428 -31.78 17.01 -7.34
CA GLY B 428 -31.20 18.30 -7.02
C GLY B 428 -30.57 18.38 -5.63
N ASN B 429 -30.25 17.23 -5.04
CA ASN B 429 -29.66 17.20 -3.70
C ASN B 429 -30.52 17.90 -2.66
N ARG B 430 -31.84 17.89 -2.88
CA ARG B 430 -32.73 18.60 -1.97
C ARG B 430 -32.73 17.98 -0.57
N ARG B 431 -32.87 18.82 0.46
CA ARG B 431 -32.87 18.35 1.85
C ARG B 431 -34.28 18.36 2.46
N PHE B 432 -34.59 17.36 3.28
CA PHE B 432 -35.84 17.33 4.04
C PHE B 432 -35.52 17.04 5.52
N LEU B 433 -36.14 17.78 6.44
CA LEU B 433 -36.01 17.46 7.85
C LEU B 433 -36.72 16.15 8.13
N LYS B 434 -36.05 15.22 8.81
CA LYS B 434 -36.71 14.00 9.26
C LYS B 434 -37.47 14.27 10.55
N ASP B 435 -38.37 13.36 10.94
CA ASP B 435 -39.05 13.51 12.22
C ASP B 435 -38.03 13.63 13.36
N SER B 436 -36.92 12.93 13.24
CA SER B 436 -35.86 13.03 14.26
C SER B 436 -35.30 14.45 14.41
N ALA B 437 -35.16 15.19 13.32
CA ALA B 437 -34.67 16.56 13.44
C ALA B 437 -35.67 17.40 14.25
N LEU B 438 -36.96 17.15 14.01
CA LEU B 438 -38.03 17.91 14.65
C LEU B 438 -38.10 17.59 16.14
N TRP B 439 -37.88 16.33 16.47
CA TRP B 439 -37.81 15.85 17.85
C TRP B 439 -36.58 16.36 18.57
N TYR B 440 -35.46 16.40 17.85
CA TYR B 440 -34.20 16.87 18.43
C TYR B 440 -34.34 18.34 18.78
N ARG B 441 -35.04 19.09 17.93
CA ARG B 441 -35.27 20.50 18.20
C ARG B 441 -35.96 20.71 19.55
N GLU B 442 -36.97 19.89 19.82
CA GLU B 442 -37.70 20.01 21.08
C GLU B 442 -36.83 19.61 22.27
N VAL B 443 -36.02 18.57 22.09
CA VAL B 443 -35.06 18.18 23.11
C VAL B 443 -34.16 19.36 23.48
N ILE B 444 -33.61 20.03 22.48
CA ILE B 444 -32.66 21.13 22.70
C ILE B 444 -33.29 22.35 23.38
N GLU B 445 -34.44 22.78 22.88
CA GLU B 445 -35.14 23.93 23.44
C GLU B 445 -35.59 23.72 24.90
N LYS B 446 -35.99 22.50 25.23
CA LYS B 446 -36.42 22.20 26.61
C LYS B 446 -35.31 21.67 27.53
N GLY B 447 -34.24 21.14 26.94
CA GLY B 447 -33.18 20.51 27.70
C GLY B 447 -33.72 19.24 28.36
N GLN B 448 -34.70 18.63 27.72
CA GLN B 448 -35.42 17.51 28.29
C GLN B 448 -35.86 16.54 27.21
N VAL B 449 -35.74 15.24 27.50
CA VAL B 449 -36.16 14.20 26.57
C VAL B 449 -37.66 13.90 26.64
#